data_2HOY
#
_entry.id   2HOY
#
_cell.length_a   65.990
_cell.length_b   107.084
_cell.length_c   122.053
_cell.angle_alpha   90.00
_cell.angle_beta   90.00
_cell.angle_gamma   90.00
#
_symmetry.space_group_name_H-M   'P 21 21 21'
#
loop_
_entity.id
_entity.type
_entity.pdbx_description
1 polymer 'Glutamate-1-semialdehyde 2,1-aminomutase (GSAM) apo-form'
2 non-polymer 'PHOSPHATE ION'
3 water water
#
_entity_poly.entity_id   1
_entity_poly.type   'polypeptide(L)'
_entity_poly.pdbx_seq_one_letter_code
;VTSSPFKTIKSDEIFAAAQKLMPGGVSSPVRAFKSVGGQPIVFDRVKDAYAWDVDGNRYIDYVGTWGPAICGHAHPEVIE
ALKVAMEKGTSFGAPCALENVLAEMVNDAVPSIEMVRFVNSGTEACMAVLRIMRAYTGRDKIIKFEGCYHGHADMFLVKA
GSGVATLGLPSSPGVPKKTTANTLTTPYNDLEAVKALFAENPGEIAGVILEPIVGNSGFIVPDAGFLEGLREITLEHDAL
LVFDEVMTGFRIAYGGVQEKFGVTPDLTTLGKIIGGGLPVGAYGGKREIMQLVAPAGPMYQAGTLSGNPLAMTAGIKTLE
LLRQPGTYEYLDQITKRLSDGLLAIAQETGHAACGGQVSGMFGFFFTEGPVHNYEDAKKSDLQKFSRFHRGMLEQGIYLA
PSQFEAGFTSLAHTEEDIDATLAAARTVMSAL
;
_entity_poly.pdbx_strand_id   A,B
#
# COMPACT_ATOMS: atom_id res chain seq x y z
N PHE A 6 -29.21 15.21 17.14
CA PHE A 6 -28.03 14.64 16.43
C PHE A 6 -26.90 14.37 17.42
N LYS A 7 -26.85 13.14 17.93
CA LYS A 7 -25.85 12.76 18.90
C LYS A 7 -24.60 12.15 18.27
N THR A 8 -23.44 12.53 18.78
CA THR A 8 -22.18 12.00 18.28
C THR A 8 -21.29 11.67 19.47
N ILE A 9 -21.90 11.23 20.56
CA ILE A 9 -21.17 10.90 21.76
C ILE A 9 -20.15 9.77 21.59
N LYS A 10 -20.60 8.65 21.02
CA LYS A 10 -19.68 7.53 20.81
C LYS A 10 -18.51 7.95 19.93
N SER A 11 -18.76 8.72 18.87
CA SER A 11 -17.68 9.15 17.99
C SER A 11 -16.67 10.00 18.75
N ASP A 12 -17.16 10.88 19.61
CA ASP A 12 -16.28 11.74 20.40
C ASP A 12 -15.46 10.88 21.34
N GLU A 13 -16.10 9.89 21.95
CA GLU A 13 -15.40 9.00 22.87
C GLU A 13 -14.28 8.26 22.16
N ILE A 14 -14.62 7.64 21.04
CA ILE A 14 -13.65 6.87 20.26
C ILE A 14 -12.54 7.76 19.73
N PHE A 15 -12.92 8.92 19.18
CA PHE A 15 -11.93 9.84 18.64
C PHE A 15 -11.00 10.35 19.73
N ALA A 16 -11.56 10.67 20.89
CA ALA A 16 -10.75 11.17 22.01
C ALA A 16 -9.67 10.16 22.36
N ALA A 17 -10.06 8.89 22.45
CA ALA A 17 -9.13 7.82 22.78
C ALA A 17 -8.09 7.65 21.67
N ALA A 18 -8.53 7.74 20.42
CA ALA A 18 -7.65 7.60 19.28
C ALA A 18 -6.50 8.60 19.28
N GLN A 19 -6.75 9.83 19.72
CA GLN A 19 -5.71 10.84 19.72
C GLN A 19 -4.51 10.52 20.60
N LYS A 20 -4.69 9.61 21.55
CA LYS A 20 -3.60 9.22 22.43
C LYS A 20 -2.88 7.97 21.91
N LEU A 21 -3.43 7.38 20.85
CA LEU A 21 -2.87 6.16 20.24
C LEU A 21 -2.27 6.38 18.86
N MET A 22 -2.86 7.30 18.11
CA MET A 22 -2.39 7.59 16.75
C MET A 22 -2.26 9.10 16.57
N PRO A 23 -1.36 9.53 15.66
CA PRO A 23 -1.17 10.97 15.42
C PRO A 23 -2.48 11.65 15.00
N GLY A 24 -2.96 12.56 15.83
CA GLY A 24 -4.19 13.27 15.55
C GLY A 24 -5.39 12.33 15.62
N GLY A 25 -5.12 11.10 16.04
CA GLY A 25 -6.19 10.12 16.17
C GLY A 25 -6.77 9.60 14.86
N VAL A 26 -5.99 9.56 13.79
CA VAL A 26 -6.47 9.07 12.50
C VAL A 26 -5.34 8.38 11.73
N SER A 27 -5.69 7.68 10.65
CA SER A 27 -4.72 7.01 9.80
C SER A 27 -4.40 7.89 8.60
N SER A 28 -5.24 8.91 8.38
CA SER A 28 -5.04 9.87 7.30
C SER A 28 -5.50 11.25 7.79
N PRO A 29 -4.63 12.27 7.69
CA PRO A 29 -4.91 13.64 8.12
C PRO A 29 -6.32 14.22 7.87
N VAL A 30 -6.83 14.07 6.65
CA VAL A 30 -8.15 14.61 6.31
C VAL A 30 -9.28 14.13 7.23
N ARG A 31 -9.19 12.88 7.68
CA ARG A 31 -10.20 12.32 8.56
C ARG A 31 -10.42 13.09 9.86
N ALA A 32 -9.42 13.84 10.29
CA ALA A 32 -9.48 14.61 11.54
C ALA A 32 -10.48 15.78 11.57
N PHE A 33 -11.13 16.08 10.44
CA PHE A 33 -12.13 17.15 10.37
C PHE A 33 -11.63 18.57 10.72
N LYS A 34 -10.38 18.69 11.15
CA LYS A 34 -9.84 19.99 11.55
C LYS A 34 -10.06 21.14 10.55
N SER A 35 -10.41 20.80 9.31
CA SER A 35 -10.64 21.82 8.29
C SER A 35 -12.13 22.10 8.06
N VAL A 36 -12.98 21.47 8.86
CA VAL A 36 -14.42 21.69 8.74
C VAL A 36 -15.11 21.54 10.10
N GLY A 37 -14.34 21.67 11.17
CA GLY A 37 -14.90 21.54 12.50
C GLY A 37 -13.90 21.10 13.55
N GLY A 38 -13.61 19.81 13.59
CA GLY A 38 -12.66 19.30 14.56
C GLY A 38 -13.17 18.02 15.19
N GLN A 39 -14.45 17.74 15.00
CA GLN A 39 -15.03 16.52 15.55
C GLN A 39 -15.60 15.61 14.47
N PRO A 40 -14.78 14.64 14.01
CA PRO A 40 -15.15 13.67 12.98
C PRO A 40 -16.11 12.62 13.52
N ILE A 41 -16.71 11.85 12.61
CA ILE A 41 -17.62 10.82 13.04
C ILE A 41 -17.00 9.45 12.75
N VAL A 42 -17.05 8.57 13.75
CA VAL A 42 -16.51 7.24 13.61
C VAL A 42 -17.55 6.34 12.95
N PHE A 43 -17.18 5.74 11.83
CA PHE A 43 -18.09 4.85 11.09
C PHE A 43 -18.16 3.48 11.73
N ASP A 44 -19.30 2.82 11.57
CA ASP A 44 -19.47 1.46 12.09
C ASP A 44 -19.65 0.53 10.91
N ARG A 45 -20.47 0.94 9.95
CA ARG A 45 -20.72 0.14 8.75
C ARG A 45 -21.21 0.99 7.59
N VAL A 46 -21.10 0.45 6.39
CA VAL A 46 -21.52 1.13 5.18
C VAL A 46 -22.22 0.14 4.26
N LYS A 47 -23.23 0.60 3.54
CA LYS A 47 -23.94 -0.27 2.61
C LYS A 47 -24.65 0.53 1.54
N ASP A 48 -24.48 0.10 0.29
CA ASP A 48 -25.07 0.79 -0.85
C ASP A 48 -24.61 2.23 -0.82
N ALA A 49 -25.54 3.16 -0.75
CA ALA A 49 -25.19 4.58 -0.71
C ALA A 49 -25.17 5.15 0.68
N TYR A 50 -25.22 4.28 1.70
CA TYR A 50 -25.24 4.76 3.08
C TYR A 50 -24.08 4.31 3.93
N ALA A 51 -23.89 5.03 5.03
CA ALA A 51 -22.89 4.75 6.06
C ALA A 51 -23.60 5.00 7.39
N TRP A 52 -23.17 4.33 8.45
CA TRP A 52 -23.79 4.47 9.77
C TRP A 52 -22.77 4.80 10.87
N ASP A 53 -23.11 5.78 11.71
CA ASP A 53 -22.32 6.23 12.86
C ASP A 53 -22.22 5.14 13.90
N VAL A 54 -21.31 5.33 14.86
CA VAL A 54 -21.17 4.40 15.98
C VAL A 54 -22.29 4.79 16.96
N ASP A 55 -22.96 5.89 16.65
CA ASP A 55 -24.08 6.44 17.43
C ASP A 55 -25.41 6.06 16.78
N GLY A 56 -25.36 5.36 15.65
CA GLY A 56 -26.58 4.94 14.98
C GLY A 56 -27.10 5.86 13.87
N ASN A 57 -26.51 7.03 13.71
CA ASN A 57 -26.93 7.95 12.66
C ASN A 57 -26.61 7.37 11.30
N ARG A 58 -27.56 7.49 10.38
CA ARG A 58 -27.40 6.99 9.03
C ARG A 58 -27.19 8.17 8.08
N TYR A 59 -26.29 8.03 7.11
CA TYR A 59 -26.02 9.10 6.17
C TYR A 59 -26.07 8.62 4.74
N ILE A 60 -26.38 9.54 3.83
CA ILE A 60 -26.38 9.23 2.40
C ILE A 60 -24.94 9.67 2.09
N ASP A 61 -24.10 8.70 1.75
CA ASP A 61 -22.67 8.93 1.53
C ASP A 61 -22.21 9.44 0.14
N TYR A 62 -21.44 10.52 0.14
CA TYR A 62 -20.93 11.09 -1.11
C TYR A 62 -19.41 11.11 -1.11
N VAL A 63 -18.84 10.25 -0.28
CA VAL A 63 -17.40 10.13 -0.19
C VAL A 63 -17.00 8.78 -0.77
N GLY A 64 -17.89 7.79 -0.60
CA GLY A 64 -17.63 6.46 -1.11
C GLY A 64 -16.21 6.03 -0.81
N THR A 65 -15.83 6.16 0.45
CA THR A 65 -14.50 5.83 0.92
C THR A 65 -13.45 6.33 -0.06
N TRP A 66 -13.74 7.50 -0.62
CA TRP A 66 -12.88 8.21 -1.55
C TRP A 66 -12.74 7.67 -2.97
N GLY A 67 -13.79 7.07 -3.52
CA GLY A 67 -13.70 6.59 -4.89
C GLY A 67 -13.90 5.11 -5.20
N PRO A 68 -13.42 4.20 -4.35
CA PRO A 68 -13.58 2.76 -4.63
C PRO A 68 -15.03 2.23 -4.75
N ALA A 69 -15.89 2.70 -3.85
CA ALA A 69 -17.29 2.27 -3.80
C ALA A 69 -18.22 2.79 -4.90
N ILE A 70 -17.75 2.75 -6.15
CA ILE A 70 -18.55 3.23 -7.26
C ILE A 70 -19.77 2.37 -7.58
N CYS A 71 -19.77 1.11 -7.12
CA CYS A 71 -20.91 0.22 -7.34
C CYS A 71 -21.75 0.22 -6.07
N GLY A 72 -21.36 1.06 -5.13
CA GLY A 72 -22.05 1.12 -3.86
C GLY A 72 -21.23 0.41 -2.80
N HIS A 73 -21.46 0.75 -1.54
CA HIS A 73 -20.72 0.10 -0.46
C HIS A 73 -21.19 -1.35 -0.30
N ALA A 74 -20.26 -2.24 0.02
CA ALA A 74 -20.55 -3.66 0.22
C ALA A 74 -21.48 -4.30 -0.82
N HIS A 75 -21.13 -4.13 -2.09
CA HIS A 75 -21.94 -4.72 -3.15
C HIS A 75 -22.01 -6.22 -2.91
N PRO A 76 -23.23 -6.77 -2.86
CA PRO A 76 -23.44 -8.21 -2.63
C PRO A 76 -22.57 -9.12 -3.50
N GLU A 77 -22.39 -8.77 -4.77
CA GLU A 77 -21.59 -9.61 -5.66
C GLU A 77 -20.09 -9.51 -5.35
N VAL A 78 -19.64 -8.34 -4.93
CA VAL A 78 -18.24 -8.14 -4.59
C VAL A 78 -17.93 -8.89 -3.29
N ILE A 79 -18.84 -8.78 -2.33
CA ILE A 79 -18.67 -9.46 -1.05
C ILE A 79 -18.73 -10.98 -1.21
N GLU A 80 -19.67 -11.45 -2.01
CA GLU A 80 -19.78 -12.89 -2.24
C GLU A 80 -18.49 -13.38 -2.90
N ALA A 81 -17.96 -12.59 -3.84
CA ALA A 81 -16.72 -12.95 -4.52
C ALA A 81 -15.55 -13.04 -3.54
N LEU A 82 -15.51 -12.10 -2.60
CA LEU A 82 -14.46 -12.08 -1.58
C LEU A 82 -14.62 -13.25 -0.63
N LYS A 83 -15.85 -13.58 -0.26
CA LYS A 83 -16.09 -14.70 0.65
C LYS A 83 -15.49 -15.97 0.06
N VAL A 84 -15.78 -16.22 -1.21
CA VAL A 84 -15.27 -17.41 -1.88
C VAL A 84 -13.74 -17.40 -2.00
N ALA A 85 -13.19 -16.26 -2.43
CA ALA A 85 -11.75 -16.15 -2.60
C ALA A 85 -10.91 -16.34 -1.33
N MET A 86 -11.36 -15.82 -0.20
CA MET A 86 -10.56 -15.93 1.01
C MET A 86 -10.43 -17.33 1.59
N GLU A 87 -11.29 -18.24 1.15
CA GLU A 87 -11.23 -19.61 1.60
C GLU A 87 -9.96 -20.19 1.02
N LYS A 88 -9.47 -19.57 -0.05
CA LYS A 88 -8.25 -20.02 -0.71
C LYS A 88 -7.00 -19.37 -0.12
N GLY A 89 -7.20 -18.49 0.85
CA GLY A 89 -6.07 -17.82 1.47
C GLY A 89 -6.09 -16.34 1.14
N THR A 90 -5.61 -15.52 2.06
CA THR A 90 -5.61 -14.07 1.85
C THR A 90 -4.43 -13.52 1.07
N SER A 91 -3.32 -14.24 1.05
CA SER A 91 -2.12 -13.75 0.36
C SER A 91 -1.22 -14.93 -0.04
N PHE A 92 -0.62 -14.85 -1.23
CA PHE A 92 0.24 -15.93 -1.71
C PHE A 92 1.72 -15.59 -1.74
N GLY A 93 2.04 -14.37 -2.17
CA GLY A 93 3.44 -13.98 -2.25
C GLY A 93 4.07 -14.64 -3.47
N ALA A 94 3.20 -15.13 -4.36
CA ALA A 94 3.63 -15.80 -5.58
C ALA A 94 2.57 -15.46 -6.62
N PRO A 95 2.85 -15.77 -7.89
CA PRO A 95 1.87 -15.45 -8.94
C PRO A 95 0.58 -16.27 -8.78
N CYS A 96 -0.52 -15.71 -9.27
CA CYS A 96 -1.82 -16.39 -9.27
C CYS A 96 -2.54 -15.92 -10.52
N ALA A 97 -3.44 -16.74 -11.03
CA ALA A 97 -4.18 -16.39 -12.25
C ALA A 97 -4.94 -15.07 -12.19
N LEU A 98 -5.50 -14.75 -11.01
CA LEU A 98 -6.26 -13.50 -10.84
C LEU A 98 -5.49 -12.30 -11.34
N GLU A 99 -4.17 -12.31 -11.16
CA GLU A 99 -3.36 -11.19 -11.61
C GLU A 99 -3.40 -11.02 -13.12
N ASN A 100 -3.44 -12.14 -13.84
CA ASN A 100 -3.49 -12.10 -15.29
C ASN A 100 -4.81 -11.52 -15.75
N VAL A 101 -5.90 -11.95 -15.10
CA VAL A 101 -7.24 -11.48 -15.45
C VAL A 101 -7.42 -9.98 -15.25
N LEU A 102 -7.09 -9.48 -14.06
CA LEU A 102 -7.23 -8.05 -13.79
C LEU A 102 -6.35 -7.23 -14.73
N ALA A 103 -5.13 -7.73 -14.98
CA ALA A 103 -4.19 -7.02 -15.85
C ALA A 103 -4.74 -6.91 -17.27
N GLU A 104 -5.32 -8.01 -17.75
CA GLU A 104 -5.89 -8.09 -19.08
C GLU A 104 -7.10 -7.13 -19.17
N MET A 105 -7.91 -7.11 -18.11
CA MET A 105 -9.07 -6.22 -18.07
C MET A 105 -8.61 -4.78 -18.10
N VAL A 106 -7.58 -4.47 -17.33
CA VAL A 106 -7.06 -3.09 -17.30
C VAL A 106 -6.48 -2.67 -18.65
N ASN A 107 -5.69 -3.54 -19.26
CA ASN A 107 -5.09 -3.22 -20.56
C ASN A 107 -6.20 -2.95 -21.59
N ASP A 108 -7.25 -3.76 -21.55
CA ASP A 108 -8.35 -3.59 -22.48
C ASP A 108 -9.15 -2.31 -22.22
N ALA A 109 -9.16 -1.86 -20.97
CA ALA A 109 -9.92 -0.68 -20.57
C ALA A 109 -9.28 0.68 -20.81
N VAL A 110 -8.01 0.81 -20.42
CA VAL A 110 -7.30 2.07 -20.53
C VAL A 110 -6.48 2.19 -21.82
N PRO A 111 -6.85 3.16 -22.68
CA PRO A 111 -6.18 3.39 -23.97
C PRO A 111 -4.64 3.32 -23.94
N SER A 112 -4.01 4.08 -23.04
CA SER A 112 -2.54 4.10 -22.97
C SER A 112 -1.86 2.90 -22.34
N ILE A 113 -2.61 2.08 -21.61
CA ILE A 113 -2.00 0.93 -20.97
C ILE A 113 -1.87 -0.33 -21.83
N GLU A 114 -0.62 -0.73 -22.05
CA GLU A 114 -0.32 -1.93 -22.81
C GLU A 114 0.31 -2.98 -21.89
N MET A 115 0.86 -2.50 -20.78
CA MET A 115 1.50 -3.38 -19.80
C MET A 115 1.31 -2.73 -18.43
N VAL A 116 0.92 -3.52 -17.43
CA VAL A 116 0.68 -3.01 -16.07
C VAL A 116 1.46 -3.73 -14.96
N ARG A 117 1.65 -3.01 -13.87
CA ARG A 117 2.30 -3.53 -12.67
C ARG A 117 1.41 -3.14 -11.50
N PHE A 118 0.93 -4.13 -10.76
CA PHE A 118 0.08 -3.88 -9.61
C PHE A 118 0.93 -3.54 -8.39
N VAL A 119 0.43 -2.63 -7.55
CA VAL A 119 1.09 -2.23 -6.32
C VAL A 119 -0.01 -2.15 -5.24
N ASN A 120 0.29 -1.58 -4.07
CA ASN A 120 -0.69 -1.54 -2.99
C ASN A 120 -1.41 -0.23 -2.67
N SER A 121 -1.09 0.85 -3.39
CA SER A 121 -1.73 2.14 -3.14
C SER A 121 -1.48 3.13 -4.27
N GLY A 122 -2.26 4.21 -4.29
CA GLY A 122 -2.09 5.23 -5.30
C GLY A 122 -0.73 5.86 -5.11
N THR A 123 -0.32 5.94 -3.86
CA THR A 123 0.99 6.51 -3.49
C THR A 123 2.14 5.73 -4.10
N GLU A 124 2.09 4.41 -3.97
CA GLU A 124 3.13 3.55 -4.53
C GLU A 124 3.17 3.62 -6.05
N ALA A 125 1.99 3.73 -6.67
CA ALA A 125 1.89 3.82 -8.12
C ALA A 125 2.47 5.12 -8.65
N CYS A 126 2.14 6.22 -8.00
CA CYS A 126 2.65 7.51 -8.42
C CYS A 126 4.15 7.56 -8.14
N MET A 127 4.57 6.93 -7.04
CA MET A 127 5.98 6.89 -6.69
C MET A 127 6.76 6.13 -7.76
N ALA A 128 6.26 4.97 -8.15
CA ALA A 128 6.91 4.15 -9.17
C ALA A 128 6.91 4.81 -10.55
N VAL A 129 5.82 5.50 -10.90
CA VAL A 129 5.74 6.14 -12.20
C VAL A 129 6.68 7.34 -12.30
N LEU A 130 6.97 7.99 -11.17
CA LEU A 130 7.88 9.12 -11.17
C LEU A 130 9.25 8.59 -11.50
N ARG A 131 9.54 7.39 -11.02
CA ARG A 131 10.83 6.76 -11.27
C ARG A 131 11.01 6.21 -12.69
N ILE A 132 9.96 5.63 -13.31
CA ILE A 132 10.13 5.13 -14.68
C ILE A 132 10.31 6.36 -15.56
N MET A 133 9.60 7.43 -15.23
CA MET A 133 9.68 8.67 -15.98
C MET A 133 11.14 9.13 -16.09
N ARG A 134 11.81 9.22 -14.95
CA ARG A 134 13.20 9.65 -14.94
C ARG A 134 14.12 8.59 -15.53
N ALA A 135 13.84 7.34 -15.21
CA ALA A 135 14.65 6.22 -15.70
C ALA A 135 14.60 6.10 -17.23
N TYR A 136 13.40 6.21 -17.78
CA TYR A 136 13.21 6.08 -19.22
C TYR A 136 13.76 7.23 -20.08
N THR A 137 13.55 8.46 -19.62
CA THR A 137 14.00 9.64 -20.36
C THR A 137 15.43 10.07 -20.06
N GLY A 138 15.97 9.61 -18.93
CA GLY A 138 17.31 9.99 -18.56
C GLY A 138 17.35 11.43 -18.05
N ARG A 139 16.17 12.00 -17.81
CA ARG A 139 16.07 13.39 -17.31
C ARG A 139 15.51 13.37 -15.89
N ASP A 140 15.88 14.37 -15.09
CA ASP A 140 15.47 14.40 -13.70
C ASP A 140 14.32 15.31 -13.25
N LYS A 141 14.05 16.38 -13.99
CA LYS A 141 12.98 17.27 -13.56
C LYS A 141 11.60 16.84 -14.01
N ILE A 142 10.63 17.02 -13.12
CA ILE A 142 9.26 16.66 -13.41
C ILE A 142 8.34 17.84 -13.15
N ILE A 143 7.36 18.00 -14.02
CA ILE A 143 6.39 19.06 -13.93
C ILE A 143 5.07 18.58 -13.35
N LYS A 144 4.59 19.27 -12.33
CA LYS A 144 3.32 18.94 -11.69
C LYS A 144 2.57 20.25 -11.48
N PHE A 145 1.27 20.17 -11.22
CA PHE A 145 0.46 21.37 -11.03
C PHE A 145 0.08 21.62 -9.59
N GLU A 146 0.11 22.89 -9.18
CA GLU A 146 -0.23 23.30 -7.83
C GLU A 146 -1.65 22.83 -7.53
N GLY A 147 -1.81 22.18 -6.39
CA GLY A 147 -3.12 21.67 -6.01
C GLY A 147 -3.29 20.19 -6.30
N CYS A 148 -2.56 19.68 -7.28
CA CYS A 148 -2.65 18.27 -7.62
C CYS A 148 -1.99 17.42 -6.54
N TYR A 149 -2.55 16.23 -6.32
CA TYR A 149 -2.02 15.34 -5.31
C TYR A 149 -1.72 13.98 -5.94
N HIS A 150 -0.51 13.47 -5.71
CA HIS A 150 -0.11 12.18 -6.26
C HIS A 150 0.60 11.33 -5.21
N GLY A 151 -0.01 11.19 -4.03
CA GLY A 151 0.59 10.42 -2.97
C GLY A 151 1.57 11.26 -2.18
N HIS A 152 2.10 10.74 -1.08
CA HIS A 152 3.04 11.50 -0.27
C HIS A 152 4.50 11.19 -0.56
N ALA A 153 4.81 10.79 -1.80
CA ALA A 153 6.18 10.49 -2.16
C ALA A 153 6.98 11.80 -2.08
N ASP A 154 8.09 11.76 -1.34
CA ASP A 154 8.95 12.92 -1.17
C ASP A 154 8.85 13.98 -2.28
N MET A 155 9.22 13.58 -3.49
CA MET A 155 9.18 14.49 -4.63
C MET A 155 7.83 15.22 -4.66
N ALA A 181 14.10 19.66 -5.37
CA ALA A 181 14.68 20.59 -6.34
C ALA A 181 14.43 20.13 -7.77
N ASN A 182 14.03 18.87 -7.92
CA ASN A 182 13.76 18.32 -9.25
C ASN A 182 12.27 18.40 -9.60
N THR A 183 11.49 19.04 -8.74
CA THR A 183 10.07 19.17 -8.96
C THR A 183 9.68 20.59 -9.36
N LEU A 184 9.20 20.73 -10.60
CA LEU A 184 8.75 22.01 -11.10
C LEU A 184 7.23 22.03 -11.04
N THR A 185 6.66 23.14 -10.60
CA THR A 185 5.22 23.23 -10.51
C THR A 185 4.72 24.36 -11.39
N THR A 186 3.43 24.32 -11.69
CA THR A 186 2.79 25.33 -12.50
C THR A 186 1.30 25.37 -12.19
N PRO A 187 0.62 26.45 -12.59
CA PRO A 187 -0.82 26.54 -12.32
C PRO A 187 -1.57 25.55 -13.21
N TYR A 188 -2.59 24.89 -12.65
CA TYR A 188 -3.38 23.95 -13.43
C TYR A 188 -4.04 24.76 -14.53
N ASN A 189 -4.30 24.14 -15.68
CA ASN A 189 -4.94 24.83 -16.78
C ASN A 189 -4.14 25.98 -17.39
N ASP A 190 -2.82 25.99 -17.17
CA ASP A 190 -1.98 27.05 -17.71
C ASP A 190 -0.93 26.50 -18.69
N LEU A 191 -1.29 26.42 -19.97
CA LEU A 191 -0.36 25.90 -20.97
C LEU A 191 0.91 26.74 -21.10
N GLU A 192 0.77 28.06 -21.15
CA GLU A 192 1.92 28.94 -21.28
C GLU A 192 2.93 28.81 -20.14
N ALA A 193 2.43 28.55 -18.93
CA ALA A 193 3.32 28.38 -17.78
C ALA A 193 4.12 27.09 -17.97
N VAL A 194 3.47 26.11 -18.58
CA VAL A 194 4.11 24.82 -18.85
C VAL A 194 5.18 25.01 -19.91
N LYS A 195 4.84 25.70 -21.00
CA LYS A 195 5.83 25.95 -22.06
C LYS A 195 7.05 26.68 -21.51
N ALA A 196 6.81 27.66 -20.64
CA ALA A 196 7.89 28.44 -20.03
C ALA A 196 8.88 27.56 -19.27
N LEU A 197 8.35 26.58 -18.52
CA LEU A 197 9.21 25.68 -17.76
C LEU A 197 10.11 24.86 -18.67
N PHE A 198 9.58 24.44 -19.81
CA PHE A 198 10.39 23.67 -20.75
C PHE A 198 11.50 24.53 -21.34
N ALA A 199 11.19 25.79 -21.64
CA ALA A 199 12.18 26.69 -22.20
C ALA A 199 13.29 26.99 -21.20
N GLU A 200 12.91 27.08 -19.93
CA GLU A 200 13.86 27.37 -18.85
C GLU A 200 14.67 26.16 -18.43
N ASN A 201 14.31 24.98 -18.92
CA ASN A 201 15.01 23.76 -18.55
C ASN A 201 15.17 22.80 -19.73
N PRO A 202 15.84 23.25 -20.80
CA PRO A 202 16.05 22.43 -22.00
C PRO A 202 16.76 21.10 -21.71
N GLY A 203 16.15 20.00 -22.14
CA GLY A 203 16.74 18.69 -21.93
C GLY A 203 16.85 18.26 -20.48
N GLU A 204 15.98 18.77 -19.63
CA GLU A 204 16.01 18.41 -18.22
C GLU A 204 14.65 17.91 -17.73
N ILE A 205 13.63 18.04 -18.57
CA ILE A 205 12.29 17.61 -18.20
C ILE A 205 11.96 16.18 -18.58
N ALA A 206 11.83 15.31 -17.59
CA ALA A 206 11.49 13.92 -17.81
C ALA A 206 10.05 13.85 -18.33
N GLY A 207 9.17 14.67 -17.77
CA GLY A 207 7.79 14.67 -18.22
C GLY A 207 6.83 15.45 -17.35
N VAL A 208 5.55 15.41 -17.70
CA VAL A 208 4.50 16.10 -16.97
C VAL A 208 3.49 15.12 -16.39
N ILE A 209 3.18 15.24 -15.10
CA ILE A 209 2.21 14.37 -14.44
C ILE A 209 1.05 15.20 -13.90
N LEU A 210 -0.17 14.72 -14.06
CA LEU A 210 -1.34 15.46 -13.58
C LEU A 210 -2.60 14.62 -13.51
N GLU A 211 -3.60 15.17 -12.82
CA GLU A 211 -4.91 14.56 -12.70
C GLU A 211 -5.62 15.18 -13.91
N PRO A 212 -5.92 14.38 -14.95
CA PRO A 212 -6.60 14.90 -16.15
C PRO A 212 -7.88 15.65 -15.82
N ILE A 213 -8.40 15.39 -14.62
CA ILE A 213 -9.57 16.06 -14.07
C ILE A 213 -9.21 16.11 -12.59
N VAL A 214 -9.11 17.31 -12.05
CA VAL A 214 -8.73 17.47 -10.65
C VAL A 214 -9.85 17.18 -9.67
N GLY A 215 -9.46 16.60 -8.53
CA GLY A 215 -10.40 16.28 -7.48
C GLY A 215 -9.78 16.56 -6.11
N ASN A 216 -8.48 16.80 -6.08
CA ASN A 216 -7.76 17.05 -4.83
C ASN A 216 -7.58 18.51 -4.41
N SER A 217 -8.21 19.41 -5.14
CA SER A 217 -8.18 20.83 -4.82
C SER A 217 -9.55 21.28 -5.26
N GLY A 218 -10.53 20.43 -4.95
CA GLY A 218 -11.89 20.66 -5.35
C GLY A 218 -12.03 20.01 -6.70
N PHE A 219 -13.22 20.06 -7.29
CA PHE A 219 -13.43 19.47 -8.61
C PHE A 219 -13.08 20.49 -9.68
N ILE A 220 -12.14 20.15 -10.56
CA ILE A 220 -11.73 21.06 -11.62
C ILE A 220 -11.51 20.30 -12.93
N VAL A 221 -12.29 20.66 -13.94
CA VAL A 221 -12.19 20.06 -15.25
C VAL A 221 -11.16 20.83 -16.07
N PRO A 222 -10.52 20.17 -17.06
CA PRO A 222 -9.53 20.87 -17.86
C PRO A 222 -10.22 21.73 -18.93
N ASP A 223 -9.69 22.92 -19.19
CA ASP A 223 -10.29 23.77 -20.20
C ASP A 223 -10.13 23.13 -21.58
N ALA A 224 -10.86 23.63 -22.56
CA ALA A 224 -10.76 23.11 -23.91
C ALA A 224 -9.31 23.27 -24.36
N GLY A 225 -8.75 22.22 -24.95
CA GLY A 225 -7.38 22.31 -25.43
C GLY A 225 -6.25 22.17 -24.44
N PHE A 226 -6.54 22.16 -23.15
CA PHE A 226 -5.45 22.03 -22.17
C PHE A 226 -4.75 20.67 -22.24
N LEU A 227 -5.51 19.58 -22.13
CA LEU A 227 -4.90 18.25 -22.17
C LEU A 227 -4.20 18.04 -23.52
N GLU A 228 -4.88 18.38 -24.62
CA GLU A 228 -4.28 18.24 -25.96
C GLU A 228 -2.97 19.01 -26.04
N GLY A 229 -2.96 20.21 -25.47
CA GLY A 229 -1.77 21.04 -25.48
C GLY A 229 -0.63 20.37 -24.74
N LEU A 230 -0.94 19.82 -23.56
CA LEU A 230 0.07 19.11 -22.77
C LEU A 230 0.59 17.95 -23.58
N ARG A 231 -0.30 17.33 -24.35
CA ARG A 231 0.13 16.21 -25.17
C ARG A 231 1.08 16.72 -26.27
N GLU A 232 0.75 17.86 -26.88
CA GLU A 232 1.58 18.42 -27.94
C GLU A 232 3.00 18.83 -27.50
N ILE A 233 3.11 19.56 -26.40
CA ILE A 233 4.41 20.00 -25.96
C ILE A 233 5.28 18.88 -25.39
N THR A 234 4.68 17.90 -24.71
CA THR A 234 5.49 16.80 -24.18
C THR A 234 6.09 16.04 -25.36
N LEU A 235 5.27 15.76 -26.39
CA LEU A 235 5.77 15.06 -27.57
C LEU A 235 6.88 15.89 -28.23
N GLU A 236 6.65 17.19 -28.33
CA GLU A 236 7.60 18.12 -28.93
C GLU A 236 8.97 18.03 -28.29
N HIS A 237 9.00 17.81 -26.97
CA HIS A 237 10.27 17.73 -26.25
C HIS A 237 10.68 16.34 -25.79
N ASP A 238 10.10 15.31 -26.40
CA ASP A 238 10.41 13.92 -26.02
C ASP A 238 10.21 13.72 -24.52
N ALA A 239 9.22 14.40 -23.98
CA ALA A 239 8.91 14.28 -22.56
C ALA A 239 7.70 13.36 -22.45
N LEU A 240 7.51 12.77 -21.27
CA LEU A 240 6.38 11.87 -21.04
C LEU A 240 5.17 12.60 -20.49
N LEU A 241 3.99 12.18 -20.91
CA LEU A 241 2.74 12.73 -20.39
C LEU A 241 2.18 11.63 -19.49
N VAL A 242 2.02 11.93 -18.22
CA VAL A 242 1.52 10.95 -17.25
C VAL A 242 0.20 11.43 -16.64
N PHE A 243 -0.81 10.59 -16.76
CA PHE A 243 -2.13 10.89 -16.22
C PHE A 243 -2.33 10.13 -14.90
N ASP A 244 -2.59 10.87 -13.82
CA ASP A 244 -2.85 10.23 -12.53
C ASP A 244 -4.35 9.99 -12.51
N GLU A 245 -4.78 8.80 -12.87
CA GLU A 245 -6.21 8.48 -12.88
C GLU A 245 -6.60 7.60 -11.69
N VAL A 246 -5.88 7.78 -10.58
CA VAL A 246 -6.17 7.02 -9.38
C VAL A 246 -7.60 7.26 -8.93
N MET A 247 -8.06 8.48 -9.13
CA MET A 247 -9.41 8.88 -8.72
C MET A 247 -10.42 8.85 -9.88
N THR A 248 -9.98 9.27 -11.06
CA THR A 248 -10.86 9.30 -12.22
C THR A 248 -10.97 7.98 -12.96
N GLY A 249 -9.95 7.14 -12.83
CA GLY A 249 -9.96 5.85 -13.50
C GLY A 249 -11.21 5.06 -13.19
N PHE A 250 -11.86 4.54 -14.23
CA PHE A 250 -13.07 3.75 -14.11
C PHE A 250 -14.27 4.47 -13.49
N ARG A 251 -14.13 5.78 -13.26
CA ARG A 251 -15.21 6.57 -12.69
C ARG A 251 -15.75 7.53 -13.76
N ILE A 252 -14.88 8.41 -14.26
CA ILE A 252 -15.26 9.37 -15.30
C ILE A 252 -15.77 8.60 -16.52
N ALA A 253 -15.17 7.45 -16.77
CA ALA A 253 -15.54 6.57 -17.88
C ALA A 253 -14.80 5.26 -17.63
N TYR A 254 -15.18 4.21 -18.33
CA TYR A 254 -14.54 2.92 -18.18
C TYR A 254 -13.06 3.08 -18.52
N GLY A 255 -12.79 3.85 -19.56
CA GLY A 255 -11.43 4.09 -19.98
C GLY A 255 -10.88 5.35 -19.34
N GLY A 256 -11.63 5.90 -18.40
CA GLY A 256 -11.20 7.09 -17.69
C GLY A 256 -11.23 8.37 -18.50
N VAL A 257 -10.59 9.42 -17.99
CA VAL A 257 -10.54 10.69 -18.68
C VAL A 257 -9.90 10.55 -20.07
N GLN A 258 -8.73 9.92 -20.13
CA GLN A 258 -8.04 9.75 -21.41
C GLN A 258 -8.96 9.23 -22.50
N GLU A 259 -9.78 8.23 -22.19
CA GLU A 259 -10.71 7.69 -23.17
C GLU A 259 -11.82 8.72 -23.42
N LYS A 260 -12.43 9.17 -22.32
CA LYS A 260 -13.50 10.15 -22.34
C LYS A 260 -13.19 11.40 -23.19
N PHE A 261 -12.07 12.05 -22.91
CA PHE A 261 -11.68 13.26 -23.64
C PHE A 261 -10.75 13.03 -24.84
N GLY A 262 -10.51 11.77 -25.18
CA GLY A 262 -9.68 11.46 -26.33
C GLY A 262 -8.24 11.97 -26.36
N VAL A 263 -7.55 11.89 -25.23
CA VAL A 263 -6.16 12.30 -25.15
C VAL A 263 -5.43 11.14 -24.47
N THR A 264 -4.46 10.58 -25.17
CA THR A 264 -3.70 9.43 -24.68
C THR A 264 -2.30 9.73 -24.15
N PRO A 265 -2.08 9.52 -22.83
CA PRO A 265 -0.79 9.78 -22.21
C PRO A 265 0.14 8.59 -22.49
N ASP A 266 1.37 8.67 -21.98
CA ASP A 266 2.34 7.60 -22.17
C ASP A 266 2.28 6.62 -21.00
N LEU A 267 1.86 7.14 -19.86
CA LEU A 267 1.79 6.34 -18.65
C LEU A 267 0.61 6.88 -17.82
N THR A 268 -0.01 6.00 -17.04
CA THR A 268 -1.09 6.44 -16.17
C THR A 268 -1.16 5.58 -14.93
N THR A 269 -1.52 6.20 -13.81
CA THR A 269 -1.62 5.46 -12.56
C THR A 269 -3.09 5.17 -12.28
N LEU A 270 -3.34 4.08 -11.57
CA LEU A 270 -4.69 3.67 -11.20
C LEU A 270 -4.70 3.29 -9.73
N GLY A 271 -5.90 3.15 -9.19
CA GLY A 271 -6.05 2.75 -7.81
C GLY A 271 -7.51 2.72 -7.42
N LYS A 272 -7.77 2.67 -6.12
CA LYS A 272 -9.12 2.66 -5.60
C LYS A 272 -10.07 1.67 -6.24
N ILE A 273 -10.79 2.12 -7.26
CA ILE A 273 -11.77 1.29 -7.91
C ILE A 273 -11.29 -0.09 -8.33
N ILE A 274 -10.06 -0.21 -8.82
CA ILE A 274 -9.55 -1.51 -9.26
C ILE A 274 -9.28 -2.45 -8.09
N GLY A 275 -9.54 -1.97 -6.88
CA GLY A 275 -9.33 -2.79 -5.70
C GLY A 275 -10.65 -3.13 -5.05
N GLY A 276 -11.73 -2.53 -5.54
CA GLY A 276 -13.03 -2.79 -4.97
C GLY A 276 -13.12 -2.66 -3.45
N GLY A 277 -12.33 -1.76 -2.87
CA GLY A 277 -12.37 -1.59 -1.43
C GLY A 277 -11.07 -1.95 -0.73
N LEU A 278 -10.34 -2.90 -1.29
CA LEU A 278 -9.07 -3.31 -0.70
C LEU A 278 -7.90 -2.49 -1.21
N PRO A 279 -6.80 -2.43 -0.44
CA PRO A 279 -5.61 -1.68 -0.85
C PRO A 279 -5.08 -2.17 -2.20
N VAL A 280 -5.06 -1.29 -3.18
CA VAL A 280 -4.57 -1.65 -4.53
C VAL A 280 -4.07 -0.40 -5.23
N GLY A 281 -3.32 -0.61 -6.30
CA GLY A 281 -2.78 0.48 -7.08
C GLY A 281 -2.21 -0.16 -8.32
N ALA A 282 -1.88 0.64 -9.32
CA ALA A 282 -1.30 0.12 -10.54
C ALA A 282 -0.75 1.25 -11.41
N TYR A 283 0.25 0.93 -12.20
CA TYR A 283 0.83 1.89 -13.12
C TYR A 283 1.22 1.10 -14.35
N GLY A 284 0.96 1.70 -15.51
CA GLY A 284 1.29 1.05 -16.76
C GLY A 284 1.19 2.05 -17.88
N GLY A 285 1.42 1.57 -19.10
CA GLY A 285 1.36 2.43 -20.27
C GLY A 285 2.06 1.77 -21.44
N LYS A 286 2.79 2.56 -22.21
CA LYS A 286 3.49 2.02 -23.38
C LYS A 286 4.46 0.87 -23.04
N ARG A 287 4.35 -0.19 -23.81
CA ARG A 287 5.17 -1.40 -23.62
C ARG A 287 6.67 -1.09 -23.48
N GLU A 288 7.22 -0.36 -24.45
CA GLU A 288 8.65 -0.07 -24.39
C GLU A 288 9.07 0.71 -23.15
N ILE A 289 8.15 1.44 -22.52
CA ILE A 289 8.54 2.15 -21.30
C ILE A 289 8.46 1.18 -20.12
N MET A 290 7.34 0.45 -20.01
CA MET A 290 7.16 -0.51 -18.93
C MET A 290 8.24 -1.59 -18.90
N GLN A 291 8.86 -1.86 -20.03
CA GLN A 291 9.91 -2.88 -20.11
C GLN A 291 11.10 -2.57 -19.20
N LEU A 292 11.17 -1.32 -18.72
CA LEU A 292 12.26 -0.92 -17.83
C LEU A 292 11.98 -1.36 -16.39
N VAL A 293 10.77 -1.85 -16.14
CA VAL A 293 10.41 -2.29 -14.79
C VAL A 293 10.91 -3.71 -14.49
N ALA A 294 11.57 -3.87 -13.35
CA ALA A 294 12.09 -5.17 -12.95
C ALA A 294 10.95 -6.16 -12.73
N PRO A 295 11.19 -7.46 -12.98
CA PRO A 295 12.47 -8.01 -13.42
C PRO A 295 12.68 -7.94 -14.93
N ALA A 296 11.83 -7.20 -15.62
CA ALA A 296 11.98 -7.08 -17.07
C ALA A 296 13.13 -6.11 -17.32
N GLY A 297 13.11 -4.98 -16.62
CA GLY A 297 14.14 -3.98 -16.77
C GLY A 297 14.91 -3.72 -15.48
N PRO A 298 15.83 -2.72 -15.48
CA PRO A 298 16.65 -2.35 -14.32
C PRO A 298 15.98 -1.53 -13.23
N MET A 299 14.86 -0.87 -13.53
CA MET A 299 14.20 -0.05 -12.52
C MET A 299 13.57 -0.94 -11.45
N TYR A 300 14.15 -0.91 -10.25
CA TYR A 300 13.67 -1.75 -9.18
C TYR A 300 12.48 -1.21 -8.39
N GLN A 301 11.40 -1.96 -8.42
CA GLN A 301 10.18 -1.63 -7.70
C GLN A 301 9.63 -2.97 -7.20
N ALA A 302 9.48 -3.08 -5.88
CA ALA A 302 8.97 -4.32 -5.32
C ALA A 302 7.74 -4.10 -4.45
N GLY A 303 6.95 -5.18 -4.31
CA GLY A 303 5.74 -5.13 -3.53
C GLY A 303 5.47 -6.56 -3.07
N THR A 304 5.91 -6.86 -1.87
CA THR A 304 5.77 -8.18 -1.27
C THR A 304 4.35 -8.74 -1.31
N LEU A 305 3.38 -7.90 -0.97
CA LEU A 305 1.99 -8.32 -0.96
C LEU A 305 1.19 -7.83 -2.18
N SER A 306 1.90 -7.39 -3.22
CA SER A 306 1.25 -6.89 -4.43
C SER A 306 0.54 -8.00 -5.19
N GLY A 307 -0.46 -7.63 -5.98
CA GLY A 307 -1.21 -8.62 -6.71
C GLY A 307 -1.99 -9.51 -5.75
N ASN A 308 -2.31 -8.98 -4.58
CA ASN A 308 -3.07 -9.68 -3.56
C ASN A 308 -4.29 -10.36 -4.18
N PRO A 309 -4.50 -11.66 -3.91
CA PRO A 309 -5.65 -12.35 -4.50
C PRO A 309 -7.03 -11.77 -4.14
N LEU A 310 -7.19 -11.29 -2.91
CA LEU A 310 -8.48 -10.71 -2.52
C LEU A 310 -8.68 -9.38 -3.24
N ALA A 311 -7.61 -8.59 -3.31
CA ALA A 311 -7.66 -7.30 -3.99
C ALA A 311 -7.95 -7.49 -5.48
N MET A 312 -7.36 -8.51 -6.08
CA MET A 312 -7.58 -8.78 -7.50
C MET A 312 -9.04 -9.20 -7.72
N THR A 313 -9.54 -10.11 -6.87
CA THR A 313 -10.90 -10.60 -6.96
C THR A 313 -11.93 -9.46 -6.90
N ALA A 314 -11.83 -8.61 -5.89
CA ALA A 314 -12.76 -7.50 -5.76
C ALA A 314 -12.69 -6.55 -6.96
N GLY A 315 -11.46 -6.28 -7.44
CA GLY A 315 -11.28 -5.38 -8.57
C GLY A 315 -11.89 -5.94 -9.84
N ILE A 316 -11.71 -7.23 -10.06
CA ILE A 316 -12.26 -7.88 -11.23
C ILE A 316 -13.78 -7.80 -11.21
N LYS A 317 -14.37 -8.21 -10.09
CA LYS A 317 -15.83 -8.18 -9.94
C LYS A 317 -16.36 -6.77 -10.12
N THR A 318 -15.67 -5.79 -9.54
CA THR A 318 -16.10 -4.40 -9.64
C THR A 318 -16.11 -3.94 -11.11
N LEU A 319 -15.05 -4.24 -11.85
CA LEU A 319 -15.01 -3.84 -13.27
C LEU A 319 -16.09 -4.54 -14.10
N GLU A 320 -16.33 -5.82 -13.81
CA GLU A 320 -17.35 -6.56 -14.55
C GLU A 320 -18.69 -5.88 -14.33
N LEU A 321 -18.94 -5.47 -13.10
CA LEU A 321 -20.19 -4.78 -12.76
C LEU A 321 -20.29 -3.48 -13.55
N LEU A 322 -19.18 -2.76 -13.65
CA LEU A 322 -19.13 -1.49 -14.38
C LEU A 322 -19.35 -1.69 -15.87
N ARG A 323 -19.22 -2.93 -16.32
CA ARG A 323 -19.39 -3.26 -17.73
C ARG A 323 -20.86 -3.46 -18.12
N GLN A 324 -21.73 -3.60 -17.13
CA GLN A 324 -23.14 -3.78 -17.40
C GLN A 324 -23.73 -2.54 -18.08
N PRO A 325 -24.88 -2.69 -18.77
CA PRO A 325 -25.57 -1.61 -19.49
C PRO A 325 -26.03 -0.40 -18.65
N GLY A 326 -25.93 0.78 -19.27
CA GLY A 326 -26.35 2.02 -18.64
C GLY A 326 -25.63 2.48 -17.40
N THR A 327 -24.53 1.82 -17.06
CA THR A 327 -23.77 2.20 -15.87
C THR A 327 -23.38 3.67 -15.84
N TYR A 328 -22.49 4.08 -16.75
CA TYR A 328 -22.05 5.47 -16.76
C TYR A 328 -23.15 6.47 -17.11
N GLU A 329 -24.16 6.04 -17.88
CA GLU A 329 -25.25 6.93 -18.21
C GLU A 329 -26.02 7.26 -16.93
N TYR A 330 -26.21 6.24 -16.09
CA TYR A 330 -26.92 6.40 -14.82
C TYR A 330 -26.15 7.32 -13.89
N LEU A 331 -24.84 7.15 -13.81
CA LEU A 331 -24.01 7.98 -12.94
C LEU A 331 -24.10 9.45 -13.32
N ASP A 332 -23.93 9.74 -14.61
CA ASP A 332 -24.01 11.11 -15.10
C ASP A 332 -25.39 11.70 -14.81
N GLN A 333 -26.43 10.90 -15.09
CA GLN A 333 -27.83 11.27 -14.87
C GLN A 333 -28.14 11.79 -13.47
N ILE A 334 -27.89 10.96 -12.46
CA ILE A 334 -28.17 11.36 -11.09
C ILE A 334 -27.22 12.43 -10.56
N THR A 335 -25.99 12.44 -11.07
CA THR A 335 -24.99 13.42 -10.59
C THR A 335 -25.19 14.79 -11.20
N LYS A 336 -25.67 14.83 -12.44
CA LYS A 336 -25.90 16.11 -13.08
C LYS A 336 -27.04 16.80 -12.32
N ARG A 337 -28.08 16.02 -12.00
CA ARG A 337 -29.23 16.54 -11.28
C ARG A 337 -28.83 17.03 -9.90
N LEU A 338 -27.93 16.27 -9.27
CA LEU A 338 -27.45 16.62 -7.94
C LEU A 338 -26.74 17.97 -8.00
N SER A 339 -25.73 18.06 -8.86
CA SER A 339 -24.94 19.27 -9.01
C SER A 339 -25.80 20.49 -9.33
N ASP A 340 -26.57 20.41 -10.42
CA ASP A 340 -27.45 21.51 -10.80
C ASP A 340 -28.32 21.96 -9.63
N GLY A 341 -29.01 21.00 -9.02
CA GLY A 341 -29.87 21.32 -7.89
C GLY A 341 -29.12 22.07 -6.82
N LEU A 342 -27.91 21.61 -6.52
CA LEU A 342 -27.08 22.25 -5.51
C LEU A 342 -26.82 23.70 -5.92
N LEU A 343 -26.61 23.93 -7.21
CA LEU A 343 -26.33 25.27 -7.71
C LEU A 343 -27.59 26.12 -7.74
N ALA A 344 -28.73 25.50 -8.03
CA ALA A 344 -30.00 26.20 -8.08
C ALA A 344 -30.39 26.64 -6.68
N ILE A 345 -30.15 25.76 -5.70
CA ILE A 345 -30.47 26.03 -4.30
C ILE A 345 -29.61 27.16 -3.74
N ALA A 346 -28.34 27.19 -4.13
CA ALA A 346 -27.43 28.24 -3.67
C ALA A 346 -27.93 29.59 -4.15
N GLN A 347 -28.42 29.61 -5.38
CA GLN A 347 -28.95 30.81 -6.01
C GLN A 347 -30.15 31.27 -5.19
N GLU A 348 -31.19 30.43 -5.17
CA GLU A 348 -32.42 30.72 -4.44
C GLU A 348 -32.18 31.18 -3.02
N THR A 349 -31.18 30.60 -2.36
CA THR A 349 -30.88 30.96 -0.97
C THR A 349 -29.90 32.14 -0.87
N GLY A 350 -29.52 32.70 -2.01
CA GLY A 350 -28.62 33.85 -2.00
C GLY A 350 -27.16 33.56 -1.68
N HIS A 351 -26.69 32.37 -2.02
CA HIS A 351 -25.29 32.05 -1.76
C HIS A 351 -24.47 31.91 -3.03
N ALA A 352 -23.36 32.65 -3.08
CA ALA A 352 -22.48 32.61 -4.25
C ALA A 352 -21.96 31.19 -4.35
N ALA A 353 -21.83 30.68 -5.56
CA ALA A 353 -21.36 29.32 -5.72
C ALA A 353 -21.16 28.95 -7.17
N CYS A 354 -20.35 27.92 -7.37
CA CYS A 354 -20.06 27.38 -8.68
C CYS A 354 -19.68 25.92 -8.47
N GLY A 355 -19.84 25.11 -9.51
CA GLY A 355 -19.50 23.71 -9.38
C GLY A 355 -19.55 23.04 -10.73
N GLY A 356 -19.64 21.71 -10.75
CA GLY A 356 -19.69 21.01 -12.02
C GLY A 356 -19.62 19.51 -11.82
N GLN A 357 -19.87 18.75 -12.88
CA GLN A 357 -19.82 17.31 -12.77
C GLN A 357 -19.59 16.64 -14.11
N VAL A 358 -18.90 15.51 -14.06
CA VAL A 358 -18.60 14.69 -15.22
C VAL A 358 -18.81 13.30 -14.66
N SER A 359 -19.76 12.56 -15.23
CA SER A 359 -20.04 11.23 -14.74
C SER A 359 -20.34 11.36 -13.24
N GLY A 360 -19.98 10.35 -12.46
CA GLY A 360 -20.23 10.38 -11.04
C GLY A 360 -19.19 11.07 -10.18
N MET A 361 -18.75 12.24 -10.65
CA MET A 361 -17.76 13.00 -9.90
C MET A 361 -18.18 14.45 -9.99
N PHE A 362 -18.21 15.15 -8.87
CA PHE A 362 -18.65 16.54 -8.91
C PHE A 362 -17.97 17.41 -7.87
N GLY A 363 -18.25 18.71 -7.96
CA GLY A 363 -17.67 19.66 -7.05
C GLY A 363 -18.64 20.80 -6.81
N PHE A 364 -18.56 21.41 -5.63
CA PHE A 364 -19.44 22.52 -5.24
C PHE A 364 -18.63 23.50 -4.39
N PHE A 365 -18.34 24.68 -4.93
CA PHE A 365 -17.57 25.69 -4.18
C PHE A 365 -18.41 26.90 -3.78
N PHE A 366 -18.08 27.46 -2.62
CA PHE A 366 -18.76 28.65 -2.11
C PHE A 366 -17.96 29.89 -2.53
N THR A 367 -18.06 30.19 -3.82
CA THR A 367 -17.42 31.34 -4.47
C THR A 367 -18.10 31.37 -5.83
N GLU A 368 -18.22 32.54 -6.44
CA GLU A 368 -18.90 32.62 -7.74
C GLU A 368 -18.06 32.05 -8.87
N GLY A 369 -16.74 31.99 -8.67
CA GLY A 369 -15.85 31.46 -9.68
C GLY A 369 -15.99 32.09 -11.05
N PRO A 370 -15.89 31.31 -12.14
CA PRO A 370 -15.65 29.86 -12.12
C PRO A 370 -14.29 29.48 -11.56
N VAL A 371 -14.11 28.19 -11.27
CA VAL A 371 -12.86 27.68 -10.74
C VAL A 371 -12.06 26.97 -11.84
N HIS A 372 -10.88 27.51 -12.16
CA HIS A 372 -10.02 26.92 -13.18
C HIS A 372 -8.75 26.32 -12.61
N ASN A 373 -8.36 26.77 -11.43
CA ASN A 373 -7.15 26.29 -10.78
C ASN A 373 -7.25 26.40 -9.27
N TYR A 374 -6.22 25.92 -8.58
CA TYR A 374 -6.18 25.95 -7.13
C TYR A 374 -6.37 27.36 -6.58
N GLU A 375 -5.72 28.34 -7.21
CA GLU A 375 -5.82 29.73 -6.76
C GLU A 375 -7.29 30.15 -6.70
N ASP A 376 -8.03 29.90 -7.77
CA ASP A 376 -9.44 30.25 -7.79
C ASP A 376 -10.15 29.51 -6.65
N ALA A 377 -10.02 28.19 -6.64
CA ALA A 377 -10.65 27.36 -5.63
C ALA A 377 -10.51 27.93 -4.21
N LYS A 378 -9.33 28.43 -3.88
CA LYS A 378 -9.08 28.98 -2.55
C LYS A 378 -9.82 30.28 -2.24
N LYS A 379 -10.56 30.82 -3.20
CA LYS A 379 -11.32 32.03 -2.97
C LYS A 379 -12.62 31.64 -2.27
N SER A 380 -12.81 30.34 -2.10
CA SER A 380 -14.00 29.78 -1.46
C SER A 380 -14.16 30.19 0.00
N ASP A 381 -15.40 30.41 0.42
CA ASP A 381 -15.68 30.79 1.79
C ASP A 381 -15.65 29.51 2.65
N LEU A 382 -14.45 29.18 3.12
CA LEU A 382 -14.24 27.98 3.95
C LEU A 382 -15.04 28.00 5.23
N GLN A 383 -15.26 29.20 5.76
CA GLN A 383 -16.05 29.38 6.99
C GLN A 383 -17.45 28.85 6.72
N LYS A 384 -18.05 29.31 5.64
CA LYS A 384 -19.40 28.90 5.24
C LYS A 384 -19.46 27.40 4.94
N PHE A 385 -18.49 26.91 4.17
CA PHE A 385 -18.47 25.49 3.83
C PHE A 385 -18.52 24.65 5.09
N SER A 386 -17.77 25.08 6.09
CA SER A 386 -17.72 24.39 7.37
C SER A 386 -19.10 24.28 8.00
N ARG A 387 -19.82 25.40 8.09
CA ARG A 387 -21.16 25.41 8.67
C ARG A 387 -22.08 24.55 7.82
N PHE A 388 -21.93 24.67 6.50
CA PHE A 388 -22.73 23.91 5.54
C PHE A 388 -22.52 22.40 5.71
N HIS A 389 -21.26 22.01 5.81
CA HIS A 389 -20.90 20.60 5.96
C HIS A 389 -21.53 20.00 7.21
N ARG A 390 -21.49 20.75 8.31
CA ARG A 390 -22.04 20.27 9.57
C ARG A 390 -23.57 20.21 9.52
N GLY A 391 -24.18 21.20 8.88
CA GLY A 391 -25.63 21.22 8.79
C GLY A 391 -26.09 20.00 8.02
N MET A 392 -25.42 19.74 6.91
CA MET A 392 -25.73 18.59 6.07
C MET A 392 -25.62 17.31 6.87
N LEU A 393 -24.59 17.25 7.71
CA LEU A 393 -24.33 16.10 8.57
C LEU A 393 -25.57 15.88 9.45
N GLU A 394 -26.08 16.95 10.01
CA GLU A 394 -27.25 16.89 10.88
C GLU A 394 -28.51 16.51 10.10
N GLN A 395 -28.47 16.66 8.78
CA GLN A 395 -29.62 16.31 7.93
C GLN A 395 -29.41 14.91 7.38
N GLY A 396 -28.41 14.22 7.93
CA GLY A 396 -28.14 12.87 7.47
C GLY A 396 -27.42 12.75 6.13
N ILE A 397 -26.62 13.76 5.78
CA ILE A 397 -25.87 13.69 4.52
C ILE A 397 -24.38 13.76 4.85
N TYR A 398 -23.59 12.84 4.32
CA TYR A 398 -22.16 12.83 4.60
C TYR A 398 -21.31 13.27 3.41
N LEU A 399 -20.79 14.50 3.46
CA LEU A 399 -19.95 15.02 2.37
C LEU A 399 -18.49 15.04 2.81
N ALA A 400 -17.59 15.18 1.85
CA ALA A 400 -16.17 15.24 2.14
C ALA A 400 -15.92 16.35 3.16
N PRO A 401 -15.17 16.06 4.23
CA PRO A 401 -14.89 17.06 5.26
C PRO A 401 -13.89 18.13 4.80
N SER A 402 -14.06 18.63 3.59
CA SER A 402 -13.15 19.64 3.06
C SER A 402 -13.68 20.25 1.77
N GLN A 403 -13.43 21.54 1.59
CA GLN A 403 -13.88 22.25 0.39
C GLN A 403 -13.04 21.84 -0.82
N PHE A 404 -11.83 21.36 -0.55
CA PHE A 404 -10.91 20.96 -1.63
C PHE A 404 -10.90 19.46 -1.96
N GLU A 405 -12.09 18.89 -2.00
CA GLU A 405 -12.25 17.48 -2.32
C GLU A 405 -13.47 17.32 -3.22
N ALA A 406 -13.34 16.52 -4.27
CA ALA A 406 -14.47 16.30 -5.16
C ALA A 406 -15.43 15.37 -4.41
N GLY A 407 -16.71 15.40 -4.78
CA GLY A 407 -17.69 14.54 -4.15
C GLY A 407 -17.94 13.39 -5.10
N PHE A 408 -18.42 12.25 -4.59
CA PHE A 408 -18.69 11.10 -5.44
C PHE A 408 -20.08 10.49 -5.28
N THR A 409 -20.60 9.95 -6.38
CA THR A 409 -21.90 9.28 -6.40
C THR A 409 -21.61 7.83 -6.79
N SER A 410 -22.62 6.96 -6.66
CA SER A 410 -22.43 5.56 -7.01
C SER A 410 -23.66 4.94 -7.66
N LEU A 411 -23.49 3.75 -8.22
CA LEU A 411 -24.58 3.04 -8.88
C LEU A 411 -25.66 2.67 -7.86
N ALA A 412 -25.33 2.77 -6.58
CA ALA A 412 -26.27 2.43 -5.51
C ALA A 412 -27.14 3.62 -5.08
N HIS A 413 -26.71 4.84 -5.41
CA HIS A 413 -27.50 6.01 -5.07
C HIS A 413 -28.78 6.00 -5.89
N THR A 414 -29.93 6.10 -5.22
CA THR A 414 -31.21 6.10 -5.91
C THR A 414 -31.67 7.53 -6.20
N GLU A 415 -32.69 7.66 -7.05
CA GLU A 415 -33.21 8.98 -7.38
C GLU A 415 -33.73 9.62 -6.10
N GLU A 416 -34.26 8.77 -5.21
CA GLU A 416 -34.78 9.21 -3.93
C GLU A 416 -33.65 9.75 -3.06
N ASP A 417 -32.49 9.09 -3.10
CA ASP A 417 -31.34 9.55 -2.33
C ASP A 417 -30.94 10.94 -2.82
N ILE A 418 -31.04 11.15 -4.13
CA ILE A 418 -30.69 12.46 -4.69
C ILE A 418 -31.70 13.51 -4.24
N ASP A 419 -32.99 13.16 -4.28
CA ASP A 419 -34.04 14.09 -3.86
C ASP A 419 -33.83 14.44 -2.39
N ALA A 420 -33.55 13.41 -1.58
CA ALA A 420 -33.34 13.62 -0.15
C ALA A 420 -32.12 14.49 0.10
N THR A 421 -31.09 14.32 -0.71
CA THR A 421 -29.88 15.11 -0.54
C THR A 421 -30.11 16.58 -0.89
N LEU A 422 -30.97 16.80 -1.89
CA LEU A 422 -31.29 18.17 -2.31
C LEU A 422 -32.22 18.85 -1.31
N ALA A 423 -33.15 18.09 -0.75
CA ALA A 423 -34.07 18.65 0.23
C ALA A 423 -33.23 19.07 1.43
N ALA A 424 -32.21 18.27 1.74
CA ALA A 424 -31.33 18.57 2.86
C ALA A 424 -30.54 19.82 2.58
N ALA A 425 -30.02 19.91 1.36
CA ALA A 425 -29.22 21.07 0.93
C ALA A 425 -30.00 22.37 1.10
N ARG A 426 -31.27 22.34 0.74
CA ARG A 426 -32.13 23.53 0.85
C ARG A 426 -32.28 23.92 2.30
N THR A 427 -32.68 22.96 3.14
CA THR A 427 -32.84 23.22 4.55
C THR A 427 -31.59 23.88 5.13
N VAL A 428 -30.44 23.25 4.92
CA VAL A 428 -29.18 23.78 5.42
C VAL A 428 -28.84 25.15 4.87
N MET A 429 -28.90 25.29 3.54
CA MET A 429 -28.59 26.57 2.94
C MET A 429 -29.62 27.67 3.20
N SER A 430 -30.87 27.27 3.44
CA SER A 430 -31.91 28.23 3.74
C SER A 430 -31.50 28.96 5.01
N ALA A 431 -30.65 28.31 5.80
CA ALA A 431 -30.13 28.90 7.02
C ALA A 431 -28.81 29.57 6.65
N LEU A 432 -27.71 29.04 7.16
CA LEU A 432 -26.39 29.60 6.86
C LEU A 432 -26.31 31.12 7.06
N PHE B 6 6.62 -34.67 -11.95
CA PHE B 6 6.47 -33.24 -11.53
C PHE B 6 6.09 -32.40 -12.74
N LYS B 7 4.79 -32.19 -12.93
CA LYS B 7 4.27 -31.40 -14.04
C LYS B 7 3.94 -29.98 -13.60
N THR B 8 4.31 -29.01 -14.43
CA THR B 8 4.05 -27.61 -14.12
C THR B 8 3.46 -26.92 -15.34
N ILE B 9 2.79 -27.69 -16.18
CA ILE B 9 2.20 -27.18 -17.42
C ILE B 9 1.30 -25.95 -17.26
N LYS B 10 0.36 -25.99 -16.32
CA LYS B 10 -0.50 -24.83 -16.15
C LYS B 10 0.28 -23.61 -15.66
N SER B 11 1.22 -23.81 -14.76
CA SER B 11 2.02 -22.67 -14.30
C SER B 11 2.78 -22.06 -15.48
N ASP B 12 3.34 -22.89 -16.35
CA ASP B 12 4.09 -22.39 -17.51
C ASP B 12 3.21 -21.61 -18.47
N GLU B 13 2.00 -22.10 -18.70
CA GLU B 13 1.06 -21.42 -19.59
C GLU B 13 0.71 -20.04 -19.02
N ILE B 14 0.31 -20.05 -17.75
CA ILE B 14 -0.08 -18.82 -17.06
C ILE B 14 1.05 -17.80 -16.98
N PHE B 15 2.24 -18.26 -16.60
CA PHE B 15 3.39 -17.35 -16.51
C PHE B 15 3.77 -16.80 -17.89
N ALA B 16 3.65 -17.64 -18.92
CA ALA B 16 3.97 -17.21 -20.27
C ALA B 16 3.06 -16.07 -20.68
N ALA B 17 1.76 -16.24 -20.42
CA ALA B 17 0.77 -15.22 -20.76
C ALA B 17 1.02 -13.97 -19.93
N ALA B 18 1.45 -14.17 -18.69
CA ALA B 18 1.72 -13.06 -17.77
C ALA B 18 2.77 -12.06 -18.28
N GLN B 19 3.79 -12.57 -18.97
CA GLN B 19 4.86 -11.71 -19.47
C GLN B 19 4.46 -10.71 -20.55
N LYS B 20 3.28 -10.89 -21.12
CA LYS B 20 2.80 -9.99 -22.17
C LYS B 20 1.81 -9.01 -21.56
N LEU B 21 1.58 -9.14 -20.26
CA LEU B 21 0.63 -8.29 -19.55
C LEU B 21 1.29 -7.42 -18.48
N MET B 22 2.28 -7.98 -17.79
CA MET B 22 2.97 -7.28 -16.72
C MET B 22 4.48 -7.41 -16.85
N PRO B 23 5.23 -6.41 -16.36
CA PRO B 23 6.70 -6.42 -16.42
C PRO B 23 7.29 -7.68 -15.81
N GLY B 24 7.83 -8.54 -16.67
CA GLY B 24 8.42 -9.78 -16.21
C GLY B 24 7.36 -10.78 -15.80
N GLY B 25 6.11 -10.49 -16.16
CA GLY B 25 5.01 -11.38 -15.82
C GLY B 25 4.74 -11.53 -14.33
N VAL B 26 5.14 -10.55 -13.53
CA VAL B 26 4.93 -10.60 -12.07
C VAL B 26 4.62 -9.24 -11.45
N SER B 27 4.17 -9.27 -10.19
CA SER B 27 3.86 -8.05 -9.44
C SER B 27 5.03 -7.63 -8.57
N SER B 28 5.98 -8.54 -8.37
CA SER B 28 7.17 -8.27 -7.58
C SER B 28 8.29 -9.08 -8.23
N PRO B 29 9.41 -8.43 -8.55
CA PRO B 29 10.59 -9.04 -9.19
C PRO B 29 10.98 -10.45 -8.75
N VAL B 30 11.11 -10.64 -7.43
CA VAL B 30 11.51 -11.93 -6.88
C VAL B 30 10.64 -13.12 -7.33
N ARG B 31 9.39 -12.86 -7.66
CA ARG B 31 8.48 -13.93 -8.07
C ARG B 31 8.82 -14.50 -9.44
N ALA B 32 9.68 -13.82 -10.19
CA ALA B 32 10.06 -14.27 -11.53
C ALA B 32 11.02 -15.46 -11.54
N PHE B 33 11.53 -15.83 -10.37
CA PHE B 33 12.44 -16.97 -10.26
C PHE B 33 13.75 -16.81 -11.03
N LYS B 34 14.05 -15.59 -11.47
CA LYS B 34 15.27 -15.32 -12.24
C LYS B 34 16.55 -15.92 -11.66
N SER B 35 16.74 -15.77 -10.36
CA SER B 35 17.94 -16.29 -9.72
C SER B 35 17.80 -17.77 -9.36
N VAL B 36 16.84 -18.47 -9.96
CA VAL B 36 16.68 -19.87 -9.61
C VAL B 36 16.08 -20.74 -10.72
N GLY B 37 16.22 -20.30 -11.96
CA GLY B 37 15.69 -21.06 -13.08
C GLY B 37 14.79 -20.28 -14.03
N GLY B 38 13.93 -19.43 -13.47
CA GLY B 38 13.03 -18.64 -14.30
C GLY B 38 11.70 -19.32 -14.59
N GLN B 39 11.44 -20.45 -13.95
CA GLN B 39 10.18 -21.16 -14.14
C GLN B 39 9.39 -21.16 -12.85
N PRO B 40 8.78 -20.00 -12.51
CA PRO B 40 7.99 -19.88 -11.28
C PRO B 40 6.75 -20.76 -11.29
N ILE B 41 6.24 -21.06 -10.11
CA ILE B 41 5.05 -21.86 -10.06
C ILE B 41 3.91 -20.93 -9.67
N VAL B 42 2.75 -21.11 -10.30
CA VAL B 42 1.59 -20.28 -10.05
C VAL B 42 0.73 -20.92 -8.96
N PHE B 43 0.55 -20.21 -7.85
CA PHE B 43 -0.27 -20.72 -6.75
C PHE B 43 -1.76 -20.62 -7.06
N ASP B 44 -2.54 -21.53 -6.48
CA ASP B 44 -4.00 -21.49 -6.65
C ASP B 44 -4.61 -21.23 -5.30
N ARG B 45 -4.07 -21.87 -4.27
CA ARG B 45 -4.59 -21.71 -2.92
C ARG B 45 -3.56 -22.15 -1.90
N VAL B 46 -3.70 -21.66 -0.68
CA VAL B 46 -2.80 -22.02 0.41
C VAL B 46 -3.64 -22.33 1.65
N LYS B 47 -3.15 -23.26 2.45
CA LYS B 47 -3.83 -23.63 3.68
C LYS B 47 -2.87 -24.27 4.67
N ASP B 48 -2.96 -23.81 5.90
CA ASP B 48 -2.10 -24.28 6.98
C ASP B 48 -0.64 -24.04 6.60
N ALA B 49 0.12 -25.12 6.43
CA ALA B 49 1.53 -24.99 6.09
C ALA B 49 1.79 -25.34 4.64
N TYR B 50 0.73 -25.49 3.87
CA TYR B 50 0.87 -25.89 2.46
C TYR B 50 0.41 -24.88 1.43
N ALA B 51 0.87 -25.11 0.20
CA ALA B 51 0.52 -24.30 -0.95
C ALA B 51 0.20 -25.27 -2.08
N TRP B 52 -0.79 -24.95 -2.90
CA TRP B 52 -1.17 -25.80 -4.02
C TRP B 52 -1.02 -25.13 -5.38
N ASP B 53 -0.37 -25.83 -6.31
CA ASP B 53 -0.14 -25.41 -7.70
C ASP B 53 -1.44 -25.28 -8.47
N VAL B 54 -1.35 -24.70 -9.67
CA VAL B 54 -2.50 -24.61 -10.55
C VAL B 54 -2.54 -25.96 -11.27
N ASP B 55 -1.52 -26.77 -10.99
CA ASP B 55 -1.40 -28.10 -11.57
C ASP B 55 -1.82 -29.14 -10.54
N GLY B 56 -2.15 -28.67 -9.34
CA GLY B 56 -2.57 -29.58 -8.29
C GLY B 56 -1.48 -30.06 -7.36
N ASN B 57 -0.24 -29.64 -7.62
CA ASN B 57 0.88 -30.05 -6.75
C ASN B 57 0.76 -29.36 -5.39
N ARG B 58 1.07 -30.11 -4.34
CA ARG B 58 1.04 -29.60 -2.98
C ARG B 58 2.46 -29.41 -2.46
N TYR B 59 2.71 -28.31 -1.77
CA TYR B 59 4.04 -28.07 -1.21
C TYR B 59 3.93 -27.73 0.26
N ILE B 60 5.01 -27.99 0.99
CA ILE B 60 5.08 -27.61 2.40
C ILE B 60 5.76 -26.27 2.20
N ASP B 61 5.02 -25.21 2.51
CA ASP B 61 5.46 -23.83 2.32
C ASP B 61 6.38 -23.21 3.39
N TYR B 62 7.55 -22.73 2.95
CA TYR B 62 8.50 -22.09 3.85
C TYR B 62 8.70 -20.62 3.51
N VAL B 63 7.69 -20.05 2.85
CA VAL B 63 7.69 -18.65 2.48
C VAL B 63 6.57 -17.93 3.25
N GLY B 64 5.47 -18.64 3.51
CA GLY B 64 4.36 -18.07 4.23
C GLY B 64 4.06 -16.66 3.75
N THR B 65 3.89 -16.53 2.44
CA THR B 65 3.64 -15.26 1.76
C THR B 65 4.55 -14.16 2.32
N TRP B 66 5.77 -14.57 2.66
CA TRP B 66 6.80 -13.69 3.18
C TRP B 66 6.63 -13.17 4.60
N GLY B 67 6.03 -13.96 5.48
CA GLY B 67 5.87 -13.53 6.86
C GLY B 67 4.48 -13.38 7.50
N PRO B 68 3.47 -12.89 6.77
CA PRO B 68 2.13 -12.74 7.36
C PRO B 68 1.49 -14.02 7.90
N ALA B 69 1.67 -15.15 7.20
CA ALA B 69 1.08 -16.44 7.59
C ALA B 69 1.71 -17.15 8.80
N ILE B 70 2.10 -16.38 9.82
CA ILE B 70 2.72 -16.99 10.99
C ILE B 70 1.87 -18.01 11.76
N CYS B 71 0.55 -17.87 11.67
CA CYS B 71 -0.33 -18.81 12.36
C CYS B 71 -0.86 -19.85 11.38
N GLY B 72 -0.26 -19.90 10.20
CA GLY B 72 -0.68 -20.84 9.18
C GLY B 72 -1.46 -20.10 8.10
N HIS B 73 -1.57 -20.69 6.92
CA HIS B 73 -2.29 -20.08 5.81
C HIS B 73 -3.80 -20.28 6.01
N ALA B 74 -4.58 -19.28 5.64
CA ALA B 74 -6.03 -19.35 5.74
C ALA B 74 -6.52 -19.91 7.06
N HIS B 75 -6.02 -19.39 8.18
CA HIS B 75 -6.43 -19.85 9.49
C HIS B 75 -7.94 -19.64 9.60
N PRO B 76 -8.69 -20.68 10.01
CA PRO B 76 -10.15 -20.65 10.18
C PRO B 76 -10.68 -19.44 10.94
N GLU B 77 -10.03 -19.13 12.06
CA GLU B 77 -10.45 -17.99 12.86
C GLU B 77 -10.20 -16.64 12.20
N VAL B 78 -9.12 -16.52 11.44
CA VAL B 78 -8.85 -15.25 10.76
C VAL B 78 -9.89 -15.06 9.64
N ILE B 79 -10.12 -16.11 8.85
CA ILE B 79 -11.08 -16.06 7.76
C ILE B 79 -12.49 -15.81 8.28
N GLU B 80 -12.85 -16.45 9.38
CA GLU B 80 -14.16 -16.28 9.97
C GLU B 80 -14.34 -14.83 10.39
N ALA B 81 -13.30 -14.26 10.98
CA ALA B 81 -13.31 -12.88 11.42
C ALA B 81 -13.48 -11.95 10.22
N LEU B 82 -12.81 -12.27 9.12
CA LEU B 82 -12.91 -11.47 7.90
C LEU B 82 -14.32 -11.57 7.29
N LYS B 83 -14.87 -12.78 7.24
CA LYS B 83 -16.22 -12.96 6.68
C LYS B 83 -17.21 -12.09 7.43
N VAL B 84 -17.14 -12.16 8.76
CA VAL B 84 -18.01 -11.40 9.64
C VAL B 84 -17.84 -9.88 9.45
N ALA B 85 -16.59 -9.44 9.30
CA ALA B 85 -16.31 -8.02 9.13
C ALA B 85 -16.76 -7.45 7.79
N MET B 86 -16.57 -8.20 6.71
CA MET B 86 -16.94 -7.66 5.40
C MET B 86 -18.42 -7.40 5.14
N GLU B 87 -19.28 -7.91 6.02
CA GLU B 87 -20.71 -7.65 5.86
C GLU B 87 -20.90 -6.17 6.18
N LYS B 88 -19.96 -5.59 6.92
CA LYS B 88 -20.03 -4.18 7.30
C LYS B 88 -19.33 -3.24 6.30
N GLY B 89 -18.81 -3.79 5.22
CA GLY B 89 -18.13 -2.96 4.25
C GLY B 89 -16.64 -3.27 4.26
N THR B 90 -16.00 -3.15 3.11
CA THR B 90 -14.58 -3.46 3.02
C THR B 90 -13.68 -2.26 3.31
N SER B 91 -14.24 -1.06 3.20
CA SER B 91 -13.48 0.16 3.42
C SER B 91 -14.39 1.32 3.80
N PHE B 92 -13.93 2.17 4.72
CA PHE B 92 -14.73 3.30 5.19
C PHE B 92 -14.22 4.66 4.73
N GLY B 93 -12.91 4.86 4.82
CA GLY B 93 -12.34 6.14 4.44
C GLY B 93 -12.55 7.10 5.59
N ALA B 94 -12.85 6.54 6.76
CA ALA B 94 -13.10 7.31 7.96
C ALA B 94 -12.69 6.47 9.16
N PRO B 95 -12.58 7.11 10.35
CA PRO B 95 -12.18 6.36 11.55
C PRO B 95 -13.18 5.28 11.92
N CYS B 96 -12.66 4.18 12.45
CA CYS B 96 -13.47 3.05 12.92
C CYS B 96 -12.82 2.55 14.20
N ALA B 97 -13.61 1.88 15.03
CA ALA B 97 -13.12 1.36 16.30
C ALA B 97 -11.94 0.39 16.17
N LEU B 98 -11.98 -0.48 15.16
CA LEU B 98 -10.91 -1.46 14.93
C LEU B 98 -9.51 -0.83 14.95
N GLU B 99 -9.37 0.37 14.39
CA GLU B 99 -8.07 1.05 14.38
C GLU B 99 -7.53 1.23 15.80
N ASN B 100 -8.38 1.71 16.70
CA ASN B 100 -7.97 1.89 18.10
C ASN B 100 -7.52 0.57 18.72
N VAL B 101 -8.28 -0.49 18.45
CA VAL B 101 -7.96 -1.81 18.99
C VAL B 101 -6.56 -2.31 18.60
N LEU B 102 -6.26 -2.26 17.31
CA LEU B 102 -4.96 -2.71 16.79
C LEU B 102 -3.85 -1.77 17.27
N ALA B 103 -4.10 -0.48 17.17
CA ALA B 103 -3.11 0.51 17.59
C ALA B 103 -2.71 0.26 19.04
N GLU B 104 -3.70 0.04 19.89
CA GLU B 104 -3.47 -0.22 21.30
C GLU B 104 -2.70 -1.54 21.49
N MET B 105 -3.09 -2.59 20.77
CA MET B 105 -2.40 -3.88 20.87
C MET B 105 -0.95 -3.76 20.40
N VAL B 106 -0.71 -2.95 19.38
CA VAL B 106 0.63 -2.75 18.86
C VAL B 106 1.48 -1.99 19.87
N ASN B 107 0.88 -1.00 20.52
CA ASN B 107 1.60 -0.21 21.53
C ASN B 107 1.99 -1.12 22.70
N ASP B 108 1.04 -1.94 23.17
CA ASP B 108 1.33 -2.85 24.27
C ASP B 108 2.43 -3.85 23.92
N ALA B 109 2.45 -4.31 22.67
CA ALA B 109 3.42 -5.32 22.23
C ALA B 109 4.85 -4.84 21.95
N VAL B 110 4.99 -3.68 21.31
CA VAL B 110 6.31 -3.17 20.96
C VAL B 110 6.89 -2.12 21.91
N PRO B 111 8.01 -2.46 22.57
CA PRO B 111 8.72 -1.59 23.53
C PRO B 111 8.84 -0.12 23.13
N SER B 112 9.32 0.16 21.93
CA SER B 112 9.52 1.55 21.50
C SER B 112 8.27 2.30 21.03
N ILE B 113 7.23 1.58 20.67
CA ILE B 113 6.02 2.24 20.17
C ILE B 113 5.03 2.73 21.24
N GLU B 114 4.79 4.03 21.26
CA GLU B 114 3.85 4.62 22.21
C GLU B 114 2.73 5.26 21.40
N MET B 115 2.96 5.40 20.09
CA MET B 115 1.98 5.99 19.19
C MET B 115 2.23 5.43 17.79
N VAL B 116 1.18 4.95 17.14
CA VAL B 116 1.27 4.35 15.80
C VAL B 116 0.39 5.02 14.75
N ARG B 117 0.83 4.91 13.51
CA ARG B 117 0.12 5.43 12.35
C ARG B 117 0.14 4.26 11.38
N PHE B 118 -1.04 3.85 10.93
CA PHE B 118 -1.15 2.73 10.00
C PHE B 118 -1.08 3.21 8.56
N VAL B 119 -0.43 2.42 7.71
CA VAL B 119 -0.30 2.71 6.30
C VAL B 119 -0.65 1.46 5.52
N ASN B 120 -0.30 1.38 4.23
CA ASN B 120 -0.68 0.21 3.46
C ASN B 120 0.44 -0.73 2.99
N SER B 121 1.66 -0.49 3.44
CA SER B 121 2.77 -1.35 3.05
C SER B 121 4.02 -1.05 3.86
N GLY B 122 4.96 -1.99 3.85
CA GLY B 122 6.19 -1.78 4.59
C GLY B 122 6.93 -0.66 3.90
N THR B 123 6.66 -0.50 2.60
CA THR B 123 7.29 0.54 1.78
C THR B 123 6.83 1.92 2.20
N GLU B 124 5.54 2.09 2.44
CA GLU B 124 5.01 3.39 2.85
C GLU B 124 5.51 3.73 4.26
N ALA B 125 5.53 2.73 5.13
CA ALA B 125 5.99 2.92 6.51
C ALA B 125 7.46 3.37 6.58
N CYS B 126 8.32 2.67 5.85
CA CYS B 126 9.74 3.01 5.85
C CYS B 126 9.95 4.38 5.20
N MET B 127 9.12 4.67 4.21
CA MET B 127 9.13 5.93 3.50
C MET B 127 8.74 7.07 4.44
N ALA B 128 7.78 6.80 5.32
CA ALA B 128 7.33 7.80 6.27
C ALA B 128 8.32 7.96 7.41
N VAL B 129 8.89 6.84 7.86
CA VAL B 129 9.83 6.88 8.96
C VAL B 129 11.12 7.61 8.57
N LEU B 130 11.56 7.47 7.32
CA LEU B 130 12.76 8.15 6.87
C LEU B 130 12.49 9.66 6.92
N ARG B 131 11.23 10.02 6.68
CA ARG B 131 10.83 11.42 6.70
C ARG B 131 10.71 12.00 8.11
N ILE B 132 10.18 11.25 9.07
CA ILE B 132 10.09 11.78 10.43
C ILE B 132 11.51 11.92 10.98
N MET B 133 12.40 11.04 10.56
CA MET B 133 13.78 11.07 11.02
C MET B 133 14.44 12.40 10.66
N ARG B 134 14.31 12.79 9.40
CA ARG B 134 14.88 14.05 8.92
C ARG B 134 14.10 15.21 9.53
N ALA B 135 12.77 15.16 9.44
CA ALA B 135 11.94 16.23 9.98
C ALA B 135 12.21 16.49 11.45
N TYR B 136 12.31 15.42 12.23
CA TYR B 136 12.54 15.54 13.67
C TYR B 136 13.93 15.98 14.12
N THR B 137 14.97 15.54 13.41
CA THR B 137 16.33 15.90 13.78
C THR B 137 16.76 17.18 13.08
N GLY B 138 16.12 17.47 11.96
CA GLY B 138 16.47 18.64 11.19
C GLY B 138 17.67 18.34 10.32
N ARG B 139 18.14 17.10 10.33
CA ARG B 139 19.29 16.69 9.53
C ARG B 139 18.82 15.89 8.32
N ASP B 140 19.64 15.87 7.26
CA ASP B 140 19.26 15.17 6.02
C ASP B 140 19.88 13.80 5.72
N LYS B 141 21.06 13.50 6.28
CA LYS B 141 21.70 12.22 5.99
C LYS B 141 21.26 11.05 6.86
N ILE B 142 21.07 9.90 6.22
CA ILE B 142 20.67 8.70 6.93
C ILE B 142 21.56 7.51 6.62
N ILE B 143 21.84 6.71 7.65
CA ILE B 143 22.67 5.53 7.54
C ILE B 143 21.89 4.22 7.45
N LYS B 144 22.13 3.47 6.39
CA LYS B 144 21.50 2.18 6.20
C LYS B 144 22.63 1.19 5.96
N PHE B 145 22.33 -0.09 5.89
CA PHE B 145 23.37 -1.09 5.70
C PHE B 145 23.26 -1.84 4.38
N GLU B 146 24.40 -2.09 3.75
CA GLU B 146 24.43 -2.79 2.48
C GLU B 146 23.66 -4.11 2.61
N GLY B 147 22.77 -4.36 1.67
CA GLY B 147 21.97 -5.58 1.71
C GLY B 147 20.69 -5.38 2.50
N ASN B 182 21.89 11.65 0.00
CA ASN B 182 21.59 11.77 1.42
C ASN B 182 21.55 10.40 2.10
N THR B 183 21.95 9.36 1.39
CA THR B 183 21.94 8.04 2.00
C THR B 183 23.36 7.51 2.17
N LEU B 184 23.70 7.21 3.41
CA LEU B 184 25.03 6.68 3.74
C LEU B 184 24.86 5.19 4.04
N THR B 185 25.75 4.38 3.47
CA THR B 185 25.68 2.94 3.67
C THR B 185 26.95 2.38 4.30
N THR B 186 26.80 1.28 5.02
CA THR B 186 27.92 0.62 5.67
C THR B 186 27.68 -0.88 5.75
N PRO B 187 28.74 -1.66 6.03
CA PRO B 187 28.57 -3.12 6.12
C PRO B 187 27.77 -3.46 7.38
N TYR B 188 26.86 -4.42 7.26
CA TYR B 188 26.07 -4.83 8.40
C TYR B 188 27.02 -5.44 9.42
N ASN B 189 26.77 -5.22 10.71
CA ASN B 189 27.64 -5.76 11.76
C ASN B 189 29.02 -5.09 11.81
N ASP B 190 29.10 -3.82 11.41
CA ASP B 190 30.37 -3.10 11.43
C ASP B 190 30.21 -1.77 12.18
N LEU B 191 30.36 -1.81 13.51
CA LEU B 191 30.23 -0.60 14.33
C LEU B 191 31.26 0.46 13.98
N GLU B 192 32.46 0.02 13.61
CA GLU B 192 33.52 0.94 13.27
C GLU B 192 33.22 1.70 11.98
N ALA B 193 32.63 1.00 11.02
CA ALA B 193 32.29 1.64 9.75
C ALA B 193 31.20 2.68 9.98
N VAL B 194 30.37 2.46 10.99
CA VAL B 194 29.28 3.39 11.33
C VAL B 194 29.87 4.61 12.05
N LYS B 195 30.75 4.38 13.02
CA LYS B 195 31.37 5.48 13.75
C LYS B 195 32.05 6.42 12.76
N ALA B 196 32.69 5.81 11.77
CA ALA B 196 33.41 6.56 10.75
C ALA B 196 32.49 7.53 10.02
N LEU B 197 31.28 7.06 9.68
CA LEU B 197 30.33 7.91 8.97
C LEU B 197 29.89 9.11 9.80
N PHE B 198 29.75 8.93 11.10
CA PHE B 198 29.35 10.03 11.97
C PHE B 198 30.45 11.09 12.04
N ALA B 199 31.70 10.64 12.15
CA ALA B 199 32.83 11.55 12.23
C ALA B 199 32.99 12.30 10.91
N GLU B 200 32.70 11.61 9.81
CA GLU B 200 32.80 12.20 8.48
C GLU B 200 31.67 13.17 8.15
N ASN B 201 30.59 13.15 8.94
CA ASN B 201 29.45 14.01 8.68
C ASN B 201 28.89 14.59 9.96
N PRO B 202 29.72 15.33 10.73
CA PRO B 202 29.24 15.92 11.99
C PRO B 202 27.94 16.72 11.84
N GLY B 203 26.98 16.46 12.73
CA GLY B 203 25.71 17.16 12.71
C GLY B 203 24.91 17.04 11.43
N GLU B 204 25.14 15.98 10.67
CA GLU B 204 24.41 15.78 9.42
C GLU B 204 23.58 14.51 9.40
N ILE B 205 23.86 13.59 10.32
CA ILE B 205 23.14 12.31 10.40
C ILE B 205 21.88 12.37 11.23
N ALA B 206 20.73 12.20 10.57
CA ALA B 206 19.44 12.21 11.25
C ALA B 206 19.35 10.92 12.06
N GLY B 207 19.93 9.84 11.53
CA GLY B 207 19.86 8.59 12.25
C GLY B 207 20.28 7.35 11.48
N VAL B 208 20.09 6.22 12.14
CA VAL B 208 20.44 4.91 11.60
C VAL B 208 19.20 4.02 11.54
N ILE B 209 18.96 3.43 10.36
CA ILE B 209 17.83 2.53 10.17
C ILE B 209 18.31 1.17 9.69
N LEU B 210 17.75 0.11 10.25
CA LEU B 210 18.16 -1.24 9.85
C LEU B 210 17.16 -2.29 10.32
N GLU B 211 17.33 -3.50 9.79
CA GLU B 211 16.54 -4.66 10.17
C GLU B 211 17.34 -5.24 11.35
N PRO B 212 16.82 -5.11 12.59
CA PRO B 212 17.55 -5.64 13.75
C PRO B 212 18.09 -7.06 13.51
N ILE B 213 17.41 -7.79 12.63
CA ILE B 213 17.83 -9.13 12.21
C ILE B 213 17.57 -9.11 10.71
N VAL B 214 18.58 -9.42 9.91
CA VAL B 214 18.44 -9.39 8.46
C VAL B 214 17.70 -10.59 7.87
N GLY B 215 16.91 -10.30 6.84
CA GLY B 215 16.15 -11.34 6.15
C GLY B 215 16.11 -11.09 4.64
N ASN B 216 16.49 -9.88 4.23
CA ASN B 216 16.48 -9.51 2.82
C ASN B 216 17.74 -9.80 2.03
N SER B 217 18.81 -10.15 2.71
CA SER B 217 20.06 -10.50 2.04
C SER B 217 20.47 -11.80 2.70
N GLY B 218 19.47 -12.65 2.88
CA GLY B 218 19.68 -13.94 3.53
C GLY B 218 19.43 -13.69 5.01
N PHE B 219 19.42 -14.75 5.80
CA PHE B 219 19.21 -14.61 7.24
C PHE B 219 20.55 -14.23 7.86
N ILE B 220 20.56 -13.14 8.62
CA ILE B 220 21.79 -12.70 9.28
C ILE B 220 21.44 -12.07 10.61
N VAL B 221 21.94 -12.69 11.68
CA VAL B 221 21.71 -12.24 13.04
C VAL B 221 22.72 -11.15 13.39
N PRO B 222 22.37 -10.23 14.30
CA PRO B 222 23.33 -9.19 14.65
C PRO B 222 24.36 -9.78 15.62
N ASP B 223 25.65 -9.46 15.43
CA ASP B 223 26.67 -9.99 16.32
C ASP B 223 26.47 -9.36 17.69
N ALA B 224 26.93 -10.05 18.73
CA ALA B 224 26.82 -9.54 20.10
C ALA B 224 27.40 -8.14 20.21
N GLY B 225 26.64 -7.23 20.81
CA GLY B 225 27.12 -5.87 20.98
C GLY B 225 26.84 -4.95 19.81
N PHE B 226 26.45 -5.50 18.67
CA PHE B 226 26.17 -4.67 17.52
C PHE B 226 24.98 -3.73 17.74
N LEU B 227 23.80 -4.29 17.94
CA LEU B 227 22.61 -3.45 18.15
C LEU B 227 22.82 -2.51 19.34
N GLU B 228 23.46 -3.02 20.39
CA GLU B 228 23.71 -2.19 21.56
C GLU B 228 24.60 -1.03 21.12
N GLY B 229 25.64 -1.37 20.36
CA GLY B 229 26.56 -0.38 19.87
C GLY B 229 25.84 0.71 19.11
N LEU B 230 24.97 0.32 18.18
CA LEU B 230 24.21 1.30 17.40
C LEU B 230 23.40 2.22 18.31
N ARG B 231 22.83 1.65 19.36
CA ARG B 231 22.03 2.43 20.29
C ARG B 231 22.92 3.51 20.92
N GLU B 232 24.07 3.10 21.43
CA GLU B 232 25.01 4.01 22.07
C GLU B 232 25.48 5.16 21.17
N ILE B 233 25.94 4.85 19.97
CA ILE B 233 26.42 5.90 19.09
C ILE B 233 25.32 6.84 18.60
N THR B 234 24.12 6.33 18.36
CA THR B 234 23.04 7.21 17.93
C THR B 234 22.74 8.17 19.07
N LEU B 235 22.59 7.63 20.27
CA LEU B 235 22.31 8.45 21.45
C LEU B 235 23.40 9.49 21.64
N GLU B 236 24.65 9.06 21.47
CA GLU B 236 25.80 9.93 21.61
C GLU B 236 25.72 11.17 20.69
N HIS B 237 25.22 10.98 19.48
CA HIS B 237 25.12 12.05 18.50
C HIS B 237 23.73 12.61 18.29
N ASP B 238 22.83 12.44 19.25
CA ASP B 238 21.47 12.93 19.11
C ASP B 238 20.86 12.49 17.78
N ALA B 239 21.19 11.28 17.34
CA ALA B 239 20.67 10.74 16.11
C ALA B 239 19.63 9.70 16.47
N LEU B 240 18.71 9.42 15.56
CA LEU B 240 17.66 8.44 15.80
C LEU B 240 18.10 7.02 15.42
N LEU B 241 17.59 6.04 16.17
CA LEU B 241 17.88 4.63 15.91
C LEU B 241 16.55 4.04 15.46
N VAL B 242 16.49 3.55 14.23
CA VAL B 242 15.25 3.01 13.71
C VAL B 242 15.34 1.55 13.30
N PHE B 243 14.39 0.76 13.81
CA PHE B 243 14.31 -0.66 13.52
C PHE B 243 13.19 -0.96 12.50
N ASP B 244 13.56 -1.64 11.42
CA ASP B 244 12.60 -2.02 10.41
C ASP B 244 12.19 -3.43 10.82
N GLU B 245 11.07 -3.55 11.53
CA GLU B 245 10.60 -4.85 11.97
C GLU B 245 9.40 -5.34 11.19
N VAL B 246 9.32 -4.93 9.94
CA VAL B 246 8.24 -5.34 9.06
C VAL B 246 8.20 -6.85 8.96
N MET B 247 9.38 -7.45 8.85
CA MET B 247 9.53 -8.91 8.74
C MET B 247 9.71 -9.60 10.10
N THR B 248 10.43 -8.96 11.02
CA THR B 248 10.70 -9.53 12.34
C THR B 248 9.59 -9.31 13.37
N GLY B 249 8.87 -8.20 13.21
CA GLY B 249 7.80 -7.88 14.14
C GLY B 249 6.82 -9.02 14.32
N PHE B 250 6.56 -9.36 15.57
CA PHE B 250 5.63 -10.42 15.96
C PHE B 250 6.03 -11.84 15.53
N ARG B 251 7.19 -11.96 14.91
CA ARG B 251 7.68 -13.25 14.45
C ARG B 251 8.84 -13.70 15.32
N ILE B 252 9.89 -12.87 15.40
CA ILE B 252 11.03 -13.22 16.24
C ILE B 252 10.57 -13.30 17.70
N ALA B 253 9.53 -12.52 18.02
CA ALA B 253 8.94 -12.50 19.35
C ALA B 253 7.72 -11.59 19.26
N TYR B 254 6.83 -11.66 20.24
CA TYR B 254 5.64 -10.83 20.22
C TYR B 254 6.07 -9.36 20.12
N GLY B 255 7.13 -9.02 20.84
CA GLY B 255 7.62 -7.65 20.84
C GLY B 255 8.73 -7.44 19.80
N GLY B 256 8.95 -8.45 18.96
CA GLY B 256 9.97 -8.34 17.94
C GLY B 256 11.38 -8.53 18.45
N VAL B 257 12.36 -8.19 17.61
CA VAL B 257 13.76 -8.31 17.98
C VAL B 257 14.12 -7.37 19.13
N GLN B 258 13.65 -6.13 19.04
CA GLN B 258 13.93 -5.13 20.08
C GLN B 258 13.59 -5.63 21.48
N GLU B 259 12.54 -6.43 21.59
CA GLU B 259 12.14 -6.98 22.88
C GLU B 259 13.00 -8.21 23.16
N LYS B 260 13.14 -9.05 22.15
CA LYS B 260 13.91 -10.28 22.23
C LYS B 260 15.35 -10.06 22.70
N PHE B 261 16.01 -9.09 22.09
CA PHE B 261 17.41 -8.79 22.39
C PHE B 261 17.63 -7.60 23.34
N GLY B 262 16.57 -7.08 23.94
CA GLY B 262 16.70 -5.97 24.87
C GLY B 262 17.32 -4.67 24.38
N VAL B 263 17.00 -4.25 23.18
CA VAL B 263 17.52 -3.01 22.65
C VAL B 263 16.35 -2.22 22.05
N THR B 264 16.07 -1.07 22.64
CA THR B 264 14.95 -0.23 22.22
C THR B 264 15.31 0.92 21.29
N PRO B 265 14.73 0.94 20.09
CA PRO B 265 14.98 2.01 19.12
C PRO B 265 14.03 3.18 19.44
N ASP B 266 14.13 4.25 18.68
CA ASP B 266 13.25 5.41 18.90
C ASP B 266 12.03 5.31 18.01
N LEU B 267 12.19 4.60 16.90
CA LEU B 267 11.12 4.45 15.92
C LEU B 267 11.21 3.07 15.29
N THR B 268 10.08 2.47 14.97
CA THR B 268 10.12 1.18 14.29
C THR B 268 8.94 1.04 13.34
N THR B 269 9.20 0.36 12.22
CA THR B 269 8.19 0.12 11.20
C THR B 269 7.71 -1.32 11.34
N LEU B 270 6.42 -1.53 11.07
CA LEU B 270 5.83 -2.85 11.15
C LEU B 270 5.04 -3.17 9.88
N GLY B 271 4.64 -4.42 9.73
CA GLY B 271 3.87 -4.81 8.57
C GLY B 271 3.55 -6.30 8.59
N LYS B 272 3.21 -6.81 7.42
CA LYS B 272 2.93 -8.23 7.25
C LYS B 272 1.95 -8.81 8.28
N ILE B 273 2.48 -9.41 9.34
CA ILE B 273 1.64 -10.02 10.38
C ILE B 273 0.52 -9.16 10.92
N ILE B 274 0.78 -7.87 11.11
CA ILE B 274 -0.27 -7.00 11.64
C ILE B 274 -1.40 -6.85 10.62
N GLY B 275 -1.24 -7.46 9.46
CA GLY B 275 -2.27 -7.37 8.44
C GLY B 275 -3.00 -8.68 8.15
N GLY B 276 -2.53 -9.77 8.74
CA GLY B 276 -3.17 -11.07 8.53
C GLY B 276 -3.20 -11.51 7.07
N GLY B 277 -2.31 -10.97 6.25
CA GLY B 277 -2.30 -11.33 4.85
C GLY B 277 -2.70 -10.18 3.94
N LEU B 278 -3.52 -9.28 4.46
CA LEU B 278 -3.95 -8.12 3.69
C LEU B 278 -2.87 -7.04 3.69
N PRO B 279 -2.84 -6.19 2.65
CA PRO B 279 -1.84 -5.13 2.55
C PRO B 279 -1.94 -4.20 3.78
N VAL B 280 -0.85 -4.04 4.50
CA VAL B 280 -0.83 -3.20 5.71
C VAL B 280 0.60 -2.75 5.98
N GLY B 281 0.73 -1.80 6.89
CA GLY B 281 2.04 -1.31 7.26
C GLY B 281 1.81 -0.38 8.44
N ALA B 282 2.89 -0.04 9.14
CA ALA B 282 2.78 0.86 10.28
C ALA B 282 4.13 1.37 10.76
N TYR B 283 4.10 2.55 11.36
CA TYR B 283 5.32 3.12 11.93
C TYR B 283 4.92 3.85 13.21
N GLY B 284 5.74 3.67 14.24
CA GLY B 284 5.48 4.32 15.51
C GLY B 284 6.77 4.45 16.28
N GLY B 285 6.66 4.90 17.52
CA GLY B 285 7.84 5.06 18.35
C GLY B 285 7.57 6.07 19.44
N LYS B 286 8.60 6.77 19.88
CA LYS B 286 8.44 7.76 20.93
C LYS B 286 7.32 8.74 20.60
N ARG B 287 6.47 8.98 21.59
CA ARG B 287 5.33 9.87 21.46
C ARG B 287 5.67 11.23 20.87
N GLU B 288 6.66 11.91 21.44
CA GLU B 288 7.01 13.24 20.95
C GLU B 288 7.48 13.27 19.50
N ILE B 289 8.08 12.19 19.03
CA ILE B 289 8.54 12.14 17.64
C ILE B 289 7.33 11.96 16.73
N MET B 290 6.40 11.10 17.12
CA MET B 290 5.21 10.85 16.31
C MET B 290 4.26 12.04 16.27
N GLN B 291 4.41 12.95 17.23
CA GLN B 291 3.54 14.13 17.28
C GLN B 291 3.72 15.00 16.04
N LEU B 292 4.85 14.84 15.35
CA LEU B 292 5.12 15.63 14.15
C LEU B 292 4.30 15.16 12.94
N VAL B 293 3.66 13.99 13.07
CA VAL B 293 2.86 13.42 11.99
C VAL B 293 1.50 14.12 11.87
N ALA B 294 1.16 14.51 10.64
CA ALA B 294 -0.11 15.17 10.39
C ALA B 294 -1.23 14.19 10.71
N PRO B 295 -2.38 14.69 11.17
CA PRO B 295 -2.68 16.11 11.39
C PRO B 295 -2.16 16.63 12.73
N ALA B 296 -1.48 15.77 13.49
CA ALA B 296 -0.96 16.21 14.78
C ALA B 296 0.15 17.22 14.55
N GLY B 297 1.04 16.93 13.59
CA GLY B 297 2.15 17.83 13.30
C GLY B 297 2.22 18.25 11.84
N PRO B 298 3.34 18.87 11.43
CA PRO B 298 3.60 19.35 10.07
C PRO B 298 4.08 18.35 9.01
N MET B 299 4.61 17.21 9.43
CA MET B 299 5.11 16.22 8.47
C MET B 299 3.92 15.52 7.80
N TYR B 300 3.72 15.80 6.51
CA TYR B 300 2.59 15.21 5.79
C TYR B 300 2.77 13.80 5.26
N GLN B 301 1.83 12.94 5.62
CA GLN B 301 1.81 11.54 5.20
C GLN B 301 0.34 11.14 5.24
N ALA B 302 -0.17 10.66 4.11
CA ALA B 302 -1.56 10.26 4.06
C ALA B 302 -1.76 8.88 3.42
N GLY B 303 -2.93 8.31 3.69
CA GLY B 303 -3.26 7.01 3.16
C GLY B 303 -4.77 6.92 3.07
N THR B 304 -5.30 7.09 1.87
CA THR B 304 -6.73 7.06 1.64
C THR B 304 -7.39 5.79 2.18
N LEU B 305 -6.75 4.65 1.97
CA LEU B 305 -7.31 3.39 2.44
C LEU B 305 -6.64 2.82 3.70
N SER B 306 -5.78 3.62 4.32
CA SER B 306 -5.08 3.21 5.53
C SER B 306 -6.09 2.95 6.64
N GLY B 307 -5.77 2.01 7.53
CA GLY B 307 -6.67 1.71 8.62
C GLY B 307 -7.87 0.89 8.14
N ASN B 308 -7.73 0.31 6.95
CA ASN B 308 -8.76 -0.55 6.35
C ASN B 308 -9.34 -1.52 7.39
N PRO B 309 -10.66 -1.52 7.58
CA PRO B 309 -11.29 -2.42 8.55
C PRO B 309 -10.99 -3.92 8.37
N LEU B 310 -10.81 -4.36 7.14
CA LEU B 310 -10.49 -5.77 6.90
C LEU B 310 -9.07 -6.09 7.37
N ALA B 311 -8.14 -5.18 7.10
CA ALA B 311 -6.75 -5.39 7.50
C ALA B 311 -6.65 -5.36 9.03
N MET B 312 -7.40 -4.45 9.67
CA MET B 312 -7.38 -4.35 11.14
C MET B 312 -7.94 -5.63 11.74
N THR B 313 -9.05 -6.09 11.21
CA THR B 313 -9.68 -7.31 11.69
C THR B 313 -8.72 -8.50 11.63
N ALA B 314 -8.13 -8.70 10.46
CA ALA B 314 -7.21 -9.82 10.28
C ALA B 314 -5.97 -9.67 11.16
N GLY B 315 -5.52 -8.43 11.36
CA GLY B 315 -4.36 -8.19 12.18
C GLY B 315 -4.66 -8.45 13.66
N ILE B 316 -5.81 -7.99 14.10
CA ILE B 316 -6.22 -8.19 15.47
C ILE B 316 -6.37 -9.68 15.78
N LYS B 317 -6.97 -10.43 14.87
CA LYS B 317 -7.16 -11.87 15.09
C LYS B 317 -5.83 -12.64 15.10
N THR B 318 -4.90 -12.22 14.25
CA THR B 318 -3.60 -12.89 14.20
C THR B 318 -2.83 -12.68 15.50
N LEU B 319 -2.83 -11.44 16.01
CA LEU B 319 -2.14 -11.14 17.26
C LEU B 319 -2.74 -11.91 18.43
N GLU B 320 -4.06 -12.02 18.47
CA GLU B 320 -4.74 -12.78 19.51
C GLU B 320 -4.33 -14.26 19.46
N LEU B 321 -4.21 -14.80 18.26
CA LEU B 321 -3.83 -16.20 18.12
C LEU B 321 -2.39 -16.40 18.60
N LEU B 322 -1.54 -15.41 18.34
CA LEU B 322 -0.14 -15.46 18.77
C LEU B 322 -0.03 -15.37 20.30
N ARG B 323 -1.05 -14.80 20.94
CA ARG B 323 -1.07 -14.66 22.39
C ARG B 323 -1.45 -15.96 23.12
N GLN B 324 -1.70 -17.01 22.36
CA GLN B 324 -2.05 -18.29 22.97
C GLN B 324 -0.77 -18.98 23.47
N PRO B 325 -0.91 -19.95 24.39
CA PRO B 325 0.20 -20.70 25.00
C PRO B 325 1.18 -21.41 24.08
N GLY B 326 2.47 -21.28 24.40
CA GLY B 326 3.54 -21.95 23.67
C GLY B 326 3.79 -21.62 22.21
N THR B 327 3.19 -20.54 21.75
CA THR B 327 3.34 -20.13 20.35
C THR B 327 4.79 -19.97 19.90
N TYR B 328 5.50 -19.00 20.46
CA TYR B 328 6.89 -18.81 20.07
C TYR B 328 7.83 -19.96 20.47
N GLU B 329 7.48 -20.69 21.53
CA GLU B 329 8.30 -21.83 21.94
C GLU B 329 8.16 -22.91 20.88
N TYR B 330 6.96 -22.99 20.30
CA TYR B 330 6.70 -23.98 19.26
C TYR B 330 7.51 -23.62 18.01
N LEU B 331 7.46 -22.36 17.62
CA LEU B 331 8.20 -21.91 16.44
C LEU B 331 9.70 -22.15 16.58
N ASP B 332 10.24 -21.93 17.76
CA ASP B 332 11.67 -22.12 17.97
C ASP B 332 12.01 -23.60 17.95
N GLN B 333 11.09 -24.42 18.46
CA GLN B 333 11.25 -25.87 18.51
C GLN B 333 11.38 -26.51 17.12
N ILE B 334 10.39 -26.28 16.27
CA ILE B 334 10.43 -26.87 14.94
C ILE B 334 11.45 -26.21 14.03
N THR B 335 11.64 -24.90 14.17
CA THR B 335 12.58 -24.21 13.31
C THR B 335 14.03 -24.54 13.64
N LYS B 336 14.30 -24.82 14.91
CA LYS B 336 15.66 -25.18 15.31
C LYS B 336 15.99 -26.54 14.72
N ARG B 337 15.04 -27.46 14.80
CA ARG B 337 15.21 -28.80 14.28
C ARG B 337 15.42 -28.77 12.76
N LEU B 338 14.61 -27.97 12.08
CA LEU B 338 14.70 -27.85 10.62
C LEU B 338 16.10 -27.37 10.24
N SER B 339 16.50 -26.23 10.78
CA SER B 339 17.80 -25.65 10.48
C SER B 339 18.94 -26.62 10.78
N ASP B 340 18.99 -27.16 12.00
CA ASP B 340 20.04 -28.11 12.36
C ASP B 340 20.08 -29.26 11.36
N GLY B 341 18.93 -29.88 11.12
CA GLY B 341 18.88 -31.00 10.18
C GLY B 341 19.40 -30.60 8.81
N LEU B 342 19.06 -29.39 8.38
CA LEU B 342 19.50 -28.88 7.09
C LEU B 342 21.01 -28.77 7.05
N LEU B 343 21.60 -28.39 8.19
CA LEU B 343 23.04 -28.26 8.28
C LEU B 343 23.71 -29.63 8.39
N ALA B 344 23.11 -30.51 9.19
CA ALA B 344 23.63 -31.86 9.38
C ALA B 344 23.59 -32.63 8.07
N ILE B 345 22.51 -32.44 7.31
CA ILE B 345 22.37 -33.11 6.04
C ILE B 345 23.42 -32.64 5.04
N ALA B 346 23.67 -31.33 5.01
CA ALA B 346 24.67 -30.78 4.11
C ALA B 346 26.00 -31.46 4.41
N GLN B 347 26.31 -31.58 5.70
CA GLN B 347 27.54 -32.20 6.16
C GLN B 347 27.66 -33.63 5.62
N GLU B 348 26.70 -34.48 5.99
CA GLU B 348 26.68 -35.88 5.56
C GLU B 348 26.77 -36.06 4.05
N THR B 349 26.23 -35.12 3.29
CA THR B 349 26.26 -35.20 1.83
C THR B 349 27.49 -34.55 1.23
N GLY B 350 28.33 -33.98 2.10
CA GLY B 350 29.55 -33.34 1.66
C GLY B 350 29.42 -31.94 1.09
N HIS B 351 28.42 -31.19 1.52
CA HIS B 351 28.23 -29.84 1.01
C HIS B 351 28.52 -28.75 2.03
N ALA B 352 29.35 -27.81 1.62
CA ALA B 352 29.73 -26.68 2.47
C ALA B 352 28.49 -25.82 2.70
N ALA B 353 28.20 -25.51 3.96
CA ALA B 353 27.04 -24.70 4.28
C ALA B 353 27.06 -24.11 5.68
N CYS B 354 26.24 -23.09 5.87
CA CYS B 354 26.08 -22.43 7.16
C CYS B 354 24.66 -21.91 7.20
N GLY B 355 24.17 -21.63 8.39
CA GLY B 355 22.82 -21.14 8.52
C GLY B 355 22.55 -20.70 9.95
N GLY B 356 21.30 -20.83 10.37
CA GLY B 356 20.94 -20.42 11.71
C GLY B 356 19.49 -20.03 11.74
N GLN B 357 18.94 -19.91 12.93
CA GLN B 357 17.54 -19.54 13.07
C GLN B 357 17.29 -18.96 14.44
N VAL B 358 16.28 -18.11 14.52
CA VAL B 358 15.84 -17.47 15.75
C VAL B 358 14.32 -17.44 15.59
N SER B 359 13.63 -18.13 16.51
CA SER B 359 12.18 -18.21 16.44
C SER B 359 11.83 -18.85 15.09
N GLY B 360 10.70 -18.49 14.50
CA GLY B 360 10.30 -19.06 13.24
C GLY B 360 10.87 -18.38 12.01
N MET B 361 12.17 -18.07 12.05
CA MET B 361 12.85 -17.42 10.94
C MET B 361 14.22 -18.06 10.81
N PHE B 362 14.61 -18.44 9.59
CA PHE B 362 15.90 -19.09 9.42
C PHE B 362 16.60 -18.81 8.10
N GLY B 363 17.83 -19.31 8.01
CA GLY B 363 18.64 -19.13 6.82
C GLY B 363 19.51 -20.35 6.55
N PHE B 364 19.82 -20.59 5.29
CA PHE B 364 20.64 -21.73 4.89
C PHE B 364 21.45 -21.32 3.67
N PHE B 365 22.75 -21.10 3.86
CA PHE B 365 23.60 -20.70 2.74
C PHE B 365 24.52 -21.83 2.26
N PHE B 366 24.79 -21.85 0.96
CA PHE B 366 25.67 -22.86 0.40
C PHE B 366 27.08 -22.28 0.32
N THR B 367 27.63 -22.01 1.50
CA THR B 367 28.98 -21.46 1.70
C THR B 367 29.31 -21.88 3.14
N GLU B 368 30.60 -22.00 3.47
CA GLU B 368 30.96 -22.41 4.83
C GLU B 368 30.82 -21.29 5.86
N GLY B 369 30.85 -20.05 5.37
CA GLY B 369 30.69 -18.91 6.25
C GLY B 369 31.64 -18.86 7.43
N PRO B 370 31.21 -18.33 8.58
CA PRO B 370 29.87 -17.79 8.84
C PRO B 370 29.54 -16.51 8.08
N VAL B 371 28.25 -16.22 7.96
CA VAL B 371 27.78 -15.03 7.27
C VAL B 371 27.49 -13.92 8.27
N HIS B 372 28.24 -12.83 8.20
CA HIS B 372 28.05 -11.69 9.10
C HIS B 372 27.45 -10.49 8.36
N ASN B 373 27.57 -10.49 7.05
CA ASN B 373 27.05 -9.41 6.24
C ASN B 373 26.77 -9.86 4.84
N TYR B 374 26.25 -8.93 4.04
CA TYR B 374 25.92 -9.21 2.66
C TYR B 374 27.12 -9.74 1.88
N GLU B 375 28.28 -9.13 2.09
CA GLU B 375 29.50 -9.57 1.41
C GLU B 375 29.73 -11.07 1.61
N ASP B 376 29.62 -11.53 2.86
CA ASP B 376 29.81 -12.95 3.14
C ASP B 376 28.73 -13.77 2.46
N ALA B 377 27.50 -13.29 2.56
CA ALA B 377 26.36 -13.98 1.96
C ALA B 377 26.58 -14.25 0.48
N LYS B 378 27.23 -13.30 -0.20
CA LYS B 378 27.48 -13.41 -1.63
C LYS B 378 28.54 -14.43 -2.05
N LYS B 379 29.16 -15.10 -1.09
CA LYS B 379 30.16 -16.11 -1.43
C LYS B 379 29.43 -17.42 -1.70
N SER B 380 28.11 -17.40 -1.46
CA SER B 380 27.28 -18.59 -1.65
C SER B 380 27.27 -19.12 -3.08
N ASP B 381 27.23 -20.44 -3.20
CA ASP B 381 27.20 -21.08 -4.51
C ASP B 381 25.78 -21.02 -5.07
N LEU B 382 25.45 -19.88 -5.66
CA LEU B 382 24.13 -19.66 -6.24
C LEU B 382 23.73 -20.73 -7.25
N GLN B 383 24.71 -21.26 -7.98
CA GLN B 383 24.46 -22.30 -8.97
C GLN B 383 23.92 -23.53 -8.25
N LYS B 384 24.52 -23.88 -7.13
CA LYS B 384 24.08 -25.03 -6.35
C LYS B 384 22.71 -24.76 -5.76
N PHE B 385 22.54 -23.56 -5.20
CA PHE B 385 21.26 -23.22 -4.59
C PHE B 385 20.12 -23.43 -5.57
N SER B 386 20.30 -22.94 -6.80
CA SER B 386 19.28 -23.08 -7.83
C SER B 386 18.91 -24.55 -8.00
N ARG B 387 19.90 -25.42 -8.19
CA ARG B 387 19.63 -26.86 -8.37
C ARG B 387 18.93 -27.41 -7.12
N PHE B 388 19.37 -26.95 -5.96
CA PHE B 388 18.78 -27.39 -4.69
C PHE B 388 17.31 -26.94 -4.62
N HIS B 389 17.08 -25.67 -4.93
CA HIS B 389 15.74 -25.12 -4.91
C HIS B 389 14.78 -25.85 -5.83
N ARG B 390 15.26 -26.26 -7.00
CA ARG B 390 14.40 -26.98 -7.93
C ARG B 390 14.15 -28.40 -7.46
N GLY B 391 15.20 -29.06 -6.99
CA GLY B 391 15.05 -30.42 -6.52
C GLY B 391 14.08 -30.49 -5.35
N MET B 392 14.07 -29.43 -4.53
CA MET B 392 13.18 -29.40 -3.38
C MET B 392 11.74 -29.21 -3.85
N LEU B 393 11.58 -28.41 -4.89
CA LEU B 393 10.27 -28.14 -5.49
C LEU B 393 9.72 -29.50 -5.91
N GLU B 394 10.58 -30.29 -6.56
CA GLU B 394 10.22 -31.62 -7.04
C GLU B 394 9.86 -32.59 -5.92
N GLN B 395 10.39 -32.35 -4.72
CA GLN B 395 10.09 -33.19 -3.57
C GLN B 395 8.87 -32.67 -2.80
N GLY B 396 8.26 -31.62 -3.32
CA GLY B 396 7.08 -31.09 -2.66
C GLY B 396 7.40 -30.06 -1.58
N ILE B 397 8.51 -29.35 -1.72
CA ILE B 397 8.88 -28.35 -0.73
C ILE B 397 9.06 -27.02 -1.42
N TYR B 398 8.37 -25.99 -0.94
CA TYR B 398 8.48 -24.65 -1.53
C TYR B 398 9.35 -23.73 -0.65
N LEU B 399 10.55 -23.41 -1.13
CA LEU B 399 11.47 -22.53 -0.41
C LEU B 399 11.55 -21.21 -1.17
N ALA B 400 12.00 -20.16 -0.50
CA ALA B 400 12.13 -18.85 -1.12
C ALA B 400 12.98 -18.98 -2.39
N PRO B 401 12.46 -18.52 -3.53
CA PRO B 401 13.22 -18.62 -4.78
C PRO B 401 14.46 -17.75 -4.85
N SER B 402 15.27 -17.76 -3.80
CA SER B 402 16.49 -16.95 -3.80
C SER B 402 17.35 -17.27 -2.59
N GLN B 403 18.67 -17.25 -2.80
CA GLN B 403 19.60 -17.53 -1.72
C GLN B 403 19.60 -16.39 -0.72
N PHE B 404 19.23 -15.20 -1.17
CA PHE B 404 19.20 -14.02 -0.31
C PHE B 404 17.84 -13.67 0.24
N GLU B 405 17.18 -14.66 0.84
CA GLU B 405 15.87 -14.47 1.44
C GLU B 405 15.78 -15.45 2.61
N ALA B 406 15.34 -14.97 3.76
CA ALA B 406 15.20 -15.81 4.92
C ALA B 406 14.02 -16.76 4.68
N GLY B 407 13.95 -17.82 5.47
CA GLY B 407 12.85 -18.76 5.35
C GLY B 407 11.91 -18.54 6.52
N PHE B 408 10.69 -19.04 6.45
CA PHE B 408 9.75 -18.84 7.55
C PHE B 408 8.93 -20.10 7.83
N THR B 409 8.62 -20.29 9.10
CA THR B 409 7.82 -21.41 9.54
C THR B 409 6.57 -20.83 10.17
N SER B 410 5.59 -21.68 10.47
CA SER B 410 4.34 -21.22 11.06
C SER B 410 3.88 -22.20 12.13
N LEU B 411 2.85 -21.80 12.88
CA LEU B 411 2.29 -22.66 13.92
C LEU B 411 1.59 -23.85 13.26
N ALA B 412 1.29 -23.73 11.97
CA ALA B 412 0.63 -24.79 11.23
C ALA B 412 1.60 -25.91 10.81
N HIS B 413 2.89 -25.61 10.75
CA HIS B 413 3.86 -26.64 10.39
C HIS B 413 3.92 -27.68 11.50
N THR B 414 3.63 -28.93 11.17
CA THR B 414 3.66 -30.00 12.17
C THR B 414 5.02 -30.68 12.17
N GLU B 415 5.26 -31.49 13.20
CA GLU B 415 6.52 -32.21 13.33
C GLU B 415 6.71 -33.07 12.08
N GLU B 416 5.62 -33.67 11.61
CA GLU B 416 5.67 -34.52 10.41
C GLU B 416 6.06 -33.72 9.17
N ASP B 417 5.62 -32.47 9.08
CA ASP B 417 5.97 -31.64 7.93
C ASP B 417 7.47 -31.41 7.95
N ILE B 418 8.00 -31.21 9.16
CA ILE B 418 9.43 -31.00 9.34
C ILE B 418 10.17 -32.28 8.97
N ASP B 419 9.65 -33.42 9.43
CA ASP B 419 10.26 -34.71 9.12
C ASP B 419 10.35 -34.84 7.60
N ALA B 420 9.21 -34.69 6.95
CA ALA B 420 9.13 -34.82 5.49
C ALA B 420 10.01 -33.81 4.75
N THR B 421 10.21 -32.65 5.35
CA THR B 421 11.05 -31.61 4.73
C THR B 421 12.53 -32.01 4.75
N LEU B 422 12.96 -32.58 5.87
CA LEU B 422 14.34 -33.02 6.01
C LEU B 422 14.55 -34.25 5.13
N ALA B 423 13.56 -35.13 5.09
CA ALA B 423 13.66 -36.33 4.27
C ALA B 423 13.84 -35.91 2.81
N ALA B 424 13.17 -34.81 2.44
CA ALA B 424 13.26 -34.29 1.07
C ALA B 424 14.62 -33.63 0.90
N ALA B 425 15.08 -32.97 1.95
CA ALA B 425 16.37 -32.29 1.93
C ALA B 425 17.49 -33.28 1.63
N ARG B 426 17.42 -34.46 2.24
CA ARG B 426 18.44 -35.47 2.05
C ARG B 426 18.41 -36.01 0.63
N THR B 427 17.22 -36.35 0.14
CA THR B 427 17.07 -36.85 -1.22
C THR B 427 17.71 -35.86 -2.18
N VAL B 428 17.34 -34.59 -2.07
CA VAL B 428 17.87 -33.56 -2.96
C VAL B 428 19.37 -33.34 -2.81
N MET B 429 19.86 -33.20 -1.58
CA MET B 429 21.27 -32.98 -1.36
C MET B 429 22.13 -34.23 -1.60
N SER B 430 21.51 -35.40 -1.52
CA SER B 430 22.24 -36.64 -1.76
C SER B 430 22.70 -36.63 -3.21
N ALA B 431 21.99 -35.86 -4.03
CA ALA B 431 22.34 -35.72 -5.43
C ALA B 431 23.20 -34.46 -5.51
N LEU B 432 22.70 -33.43 -6.18
CA LEU B 432 23.42 -32.17 -6.31
C LEU B 432 24.81 -32.37 -6.92
#